data_1D69
# 
_entry.id   1D69 
# 
_audit_conform.dict_name       mmcif_pdbx.dic 
_audit_conform.dict_version    5.392 
_audit_conform.dict_location   http://mmcif.pdb.org/dictionaries/ascii/mmcif_pdbx.dic 
# 
loop_
_database_2.database_id 
_database_2.database_code 
_database_2.pdbx_database_accession 
_database_2.pdbx_DOI 
PDB   1D69         pdb_00001d69 10.2210/pdb1d69/pdb 
WWPDB D_1000172670 ?            ?                   
# 
loop_
_pdbx_audit_revision_history.ordinal 
_pdbx_audit_revision_history.data_content_type 
_pdbx_audit_revision_history.major_revision 
_pdbx_audit_revision_history.minor_revision 
_pdbx_audit_revision_history.revision_date 
1 'Structure model' 1 0 1993-04-15 
2 'Structure model' 1 1 2008-03-24 
3 'Structure model' 1 2 2011-07-13 
4 'Structure model' 1 3 2022-02-16 
5 'Structure model' 1 4 2024-05-22 
# 
_pdbx_audit_revision_details.ordinal             1 
_pdbx_audit_revision_details.revision_ordinal    1 
_pdbx_audit_revision_details.data_content_type   'Structure model' 
_pdbx_audit_revision_details.provider            repository 
_pdbx_audit_revision_details.type                'Initial release' 
_pdbx_audit_revision_details.description         ? 
_pdbx_audit_revision_details.details             ? 
# 
loop_
_pdbx_audit_revision_group.ordinal 
_pdbx_audit_revision_group.revision_ordinal 
_pdbx_audit_revision_group.data_content_type 
_pdbx_audit_revision_group.group 
1 2 'Structure model' 'Version format compliance' 
2 3 'Structure model' 'Version format compliance' 
3 4 'Structure model' 'Database references'       
4 4 'Structure model' 'Derived calculations'      
5 4 'Structure model' Other                       
6 5 'Structure model' 'Data collection'           
# 
loop_
_pdbx_audit_revision_category.ordinal 
_pdbx_audit_revision_category.revision_ordinal 
_pdbx_audit_revision_category.data_content_type 
_pdbx_audit_revision_category.category 
1 4 'Structure model' database_2            
2 4 'Structure model' pdbx_database_status  
3 4 'Structure model' pdbx_struct_assembly  
4 4 'Structure model' pdbx_struct_oper_list 
5 5 'Structure model' chem_comp_atom        
6 5 'Structure model' chem_comp_bond        
# 
loop_
_pdbx_audit_revision_item.ordinal 
_pdbx_audit_revision_item.revision_ordinal 
_pdbx_audit_revision_item.data_content_type 
_pdbx_audit_revision_item.item 
1 4 'Structure model' '_database_2.pdbx_DOI'                
2 4 'Structure model' '_database_2.pdbx_database_accession' 
3 4 'Structure model' '_pdbx_database_status.process_site'  
# 
_pdbx_database_status.status_code                     REL 
_pdbx_database_status.entry_id                        1D69 
_pdbx_database_status.recvd_initial_deposition_date   1992-04-15 
_pdbx_database_status.deposit_site                    ? 
_pdbx_database_status.process_site                    BNL 
_pdbx_database_status.SG_entry                        . 
_pdbx_database_status.pdb_format_compatible           Y 
_pdbx_database_status.status_code_mr                  ? 
_pdbx_database_status.status_code_sf                  ? 
_pdbx_database_status.status_code_cs                  ? 
_pdbx_database_status.status_code_nmr_data            ? 
_pdbx_database_status.methods_development_category    ? 
# 
loop_
_audit_author.name 
_audit_author.pdbx_ordinal 
'Chou, S.-H.'  1 
'Cheng, J.-W.' 2 
'Reid, B.R.'   3 
# 
_citation.id                        primary 
_citation.title                     
'Solution structure of [d(ATGAGCGAATA)]2. Adjacent G:A mismatches stabilized by cross-strand base-stacking and BII phosphate groups.' 
_citation.journal_abbrev            J.Mol.Biol. 
_citation.journal_volume            228 
_citation.page_first                138 
_citation.page_last                 155 
_citation.year                      1992 
_citation.journal_id_ASTM           JMOBAK 
_citation.country                   UK 
_citation.journal_id_ISSN           0022-2836 
_citation.journal_id_CSD            0070 
_citation.book_publisher            ? 
_citation.pdbx_database_id_PubMed   1447778 
_citation.pdbx_database_id_DOI      '10.1016/0022-2836(92)90497-8' 
# 
loop_
_citation_author.citation_id 
_citation_author.name 
_citation_author.ordinal 
_citation_author.identifier_ORCID 
primary 'Chou, S.H.'  1 ? 
primary 'Cheng, J.W.' 2 ? 
primary 'Reid, B.R.'  3 ? 
# 
_entity.id                         1 
_entity.type                       polymer 
_entity.src_method                 syn 
_entity.pdbx_description           
;DNA (5'-D(P*AP*TP*GP*AP*GP*CP*GP*AP*AP*TP*A)-3')
;
_entity.formula_weight             3406.261 
_entity.pdbx_number_of_molecules   2 
_entity.pdbx_ec                    ? 
_entity.pdbx_mutation              ? 
_entity.pdbx_fragment              ? 
_entity.details                    ? 
# 
_entity_poly.entity_id                      1 
_entity_poly.type                           polydeoxyribonucleotide 
_entity_poly.nstd_linkage                   no 
_entity_poly.nstd_monomer                   no 
_entity_poly.pdbx_seq_one_letter_code       '(DA)(DT)(DG)(DA)(DG)(DC)(DG)(DA)(DA)(DT)(DA)' 
_entity_poly.pdbx_seq_one_letter_code_can   ATGAGCGAATA 
_entity_poly.pdbx_strand_id                 A,B 
_entity_poly.pdbx_target_identifier         ? 
# 
loop_
_entity_poly_seq.entity_id 
_entity_poly_seq.num 
_entity_poly_seq.mon_id 
_entity_poly_seq.hetero 
1 1  DA n 
1 2  DT n 
1 3  DG n 
1 4  DA n 
1 5  DG n 
1 6  DC n 
1 7  DG n 
1 8  DA n 
1 9  DA n 
1 10 DT n 
1 11 DA n 
# 
_pdbx_entity_src_syn.entity_id              1 
_pdbx_entity_src_syn.pdbx_src_id            1 
_pdbx_entity_src_syn.pdbx_alt_source_flag   sample 
_pdbx_entity_src_syn.pdbx_beg_seq_num       ? 
_pdbx_entity_src_syn.pdbx_end_seq_num       ? 
_pdbx_entity_src_syn.organism_scientific    ? 
_pdbx_entity_src_syn.organism_common_name   ? 
_pdbx_entity_src_syn.ncbi_taxonomy_id       ? 
_pdbx_entity_src_syn.details                'CHEMICALLY SYNTHESIZED' 
# 
loop_
_chem_comp.id 
_chem_comp.type 
_chem_comp.mon_nstd_flag 
_chem_comp.name 
_chem_comp.pdbx_synonyms 
_chem_comp.formula 
_chem_comp.formula_weight 
DA 'DNA linking' y "2'-DEOXYADENOSINE-5'-MONOPHOSPHATE" ? 'C10 H14 N5 O6 P' 331.222 
DC 'DNA linking' y "2'-DEOXYCYTIDINE-5'-MONOPHOSPHATE"  ? 'C9 H14 N3 O7 P'  307.197 
DG 'DNA linking' y "2'-DEOXYGUANOSINE-5'-MONOPHOSPHATE" ? 'C10 H14 N5 O7 P' 347.221 
DT 'DNA linking' y "THYMIDINE-5'-MONOPHOSPHATE"         ? 'C10 H15 N2 O8 P' 322.208 
# 
loop_
_pdbx_poly_seq_scheme.asym_id 
_pdbx_poly_seq_scheme.entity_id 
_pdbx_poly_seq_scheme.seq_id 
_pdbx_poly_seq_scheme.mon_id 
_pdbx_poly_seq_scheme.ndb_seq_num 
_pdbx_poly_seq_scheme.pdb_seq_num 
_pdbx_poly_seq_scheme.auth_seq_num 
_pdbx_poly_seq_scheme.pdb_mon_id 
_pdbx_poly_seq_scheme.auth_mon_id 
_pdbx_poly_seq_scheme.pdb_strand_id 
_pdbx_poly_seq_scheme.pdb_ins_code 
_pdbx_poly_seq_scheme.hetero 
A 1 1  DA 1  1  1  DA A A . n 
A 1 2  DT 2  2  2  DT T A . n 
A 1 3  DG 3  3  3  DG G A . n 
A 1 4  DA 4  4  4  DA A A . n 
A 1 5  DG 5  5  5  DG G A . n 
A 1 6  DC 6  6  6  DC C A . n 
A 1 7  DG 7  7  7  DG G A . n 
A 1 8  DA 8  8  8  DA A A . n 
A 1 9  DA 9  9  9  DA A A . n 
A 1 10 DT 10 10 10 DT T A . n 
A 1 11 DA 11 11 ?  ?  ? A . n 
B 1 1  DA 1  11 11 DA A B . n 
B 1 2  DT 2  12 12 DT T B . n 
B 1 3  DG 3  13 13 DG G B . n 
B 1 4  DA 4  14 14 DA A B . n 
B 1 5  DG 5  15 15 DG G B . n 
B 1 6  DC 6  16 16 DC C B . n 
B 1 7  DG 7  17 17 DG G B . n 
B 1 8  DA 8  18 18 DA A B . n 
B 1 9  DA 9  19 19 DA A B . n 
B 1 10 DT 10 20 20 DT T B . n 
B 1 11 DA 11 21 ?  ?  ? B . n 
# 
_cell.entry_id           1D69 
_cell.length_a           1.000 
_cell.length_b           1.000 
_cell.length_c           1.000 
_cell.angle_alpha        90.00 
_cell.angle_beta         90.00 
_cell.angle_gamma        90.00 
_cell.Z_PDB              1 
_cell.pdbx_unique_axis   ? 
# 
_symmetry.entry_id                         1D69 
_symmetry.space_group_name_H-M             'P 1' 
_symmetry.pdbx_full_space_group_name_H-M   ? 
_symmetry.cell_setting                     ? 
_symmetry.Int_Tables_number                1 
# 
_exptl.entry_id          1D69 
_exptl.method            'SOLUTION NMR' 
_exptl.crystals_number   ? 
# 
_struct.entry_id                  1D69 
_struct.title                     
'SOLUTION STRUCTURE OF [D(ATGAGCGAATA)]2: ADJACENT G:A MISMATCHES STABILIZED BY CROSS-STRAND BASE-STACKING AND BII PHOSPHATE GROUPS' 
_struct.pdbx_model_details        ? 
_struct.pdbx_CASP_flag            ? 
_struct.pdbx_model_type_details   ? 
# 
_struct_keywords.entry_id        1D69 
_struct_keywords.pdbx_keywords   DNA 
_struct_keywords.text            'DNA, DOUBLE HELIX, SHEARED HYDROGEN BONDING' 
# 
loop_
_struct_asym.id 
_struct_asym.pdbx_blank_PDB_chainid_flag 
_struct_asym.pdbx_modified 
_struct_asym.entity_id 
_struct_asym.details 
A N N 1 ? 
B N N 1 ? 
# 
_struct_ref.id                         1 
_struct_ref.entity_id                  1 
_struct_ref.db_name                    PDB 
_struct_ref.db_code                    1D69 
_struct_ref.pdbx_db_accession          1D69 
_struct_ref.pdbx_db_isoform            ? 
_struct_ref.pdbx_seq_one_letter_code   ? 
_struct_ref.pdbx_align_begin           ? 
# 
loop_
_struct_ref_seq.align_id 
_struct_ref_seq.ref_id 
_struct_ref_seq.pdbx_PDB_id_code 
_struct_ref_seq.pdbx_strand_id 
_struct_ref_seq.seq_align_beg 
_struct_ref_seq.pdbx_seq_align_beg_ins_code 
_struct_ref_seq.seq_align_end 
_struct_ref_seq.pdbx_seq_align_end_ins_code 
_struct_ref_seq.pdbx_db_accession 
_struct_ref_seq.db_align_beg 
_struct_ref_seq.pdbx_db_align_beg_ins_code 
_struct_ref_seq.db_align_end 
_struct_ref_seq.pdbx_db_align_end_ins_code 
_struct_ref_seq.pdbx_auth_seq_align_beg 
_struct_ref_seq.pdbx_auth_seq_align_end 
1 1 1D69 A 1 ? 11 ? 1D69 1  ? 11 ? 1  11 
2 1 1D69 B 1 ? 11 ? 1D69 11 ? 21 ? 11 21 
# 
_pdbx_struct_assembly.id                   1 
_pdbx_struct_assembly.details              author_defined_assembly 
_pdbx_struct_assembly.method_details       ? 
_pdbx_struct_assembly.oligomeric_details   dimeric 
_pdbx_struct_assembly.oligomeric_count     2 
# 
_pdbx_struct_assembly_gen.assembly_id       1 
_pdbx_struct_assembly_gen.oper_expression   1 
_pdbx_struct_assembly_gen.asym_id_list      A,B 
# 
_pdbx_struct_oper_list.id                   1 
_pdbx_struct_oper_list.type                 'identity operation' 
_pdbx_struct_oper_list.name                 1_555 
_pdbx_struct_oper_list.symmetry_operation   x,y,z 
_pdbx_struct_oper_list.matrix[1][1]         1.0000000000 
_pdbx_struct_oper_list.matrix[1][2]         0.0000000000 
_pdbx_struct_oper_list.matrix[1][3]         0.0000000000 
_pdbx_struct_oper_list.vector[1]            0.0000000000 
_pdbx_struct_oper_list.matrix[2][1]         0.0000000000 
_pdbx_struct_oper_list.matrix[2][2]         1.0000000000 
_pdbx_struct_oper_list.matrix[2][3]         0.0000000000 
_pdbx_struct_oper_list.vector[2]            0.0000000000 
_pdbx_struct_oper_list.matrix[3][1]         0.0000000000 
_pdbx_struct_oper_list.matrix[3][2]         0.0000000000 
_pdbx_struct_oper_list.matrix[3][3]         1.0000000000 
_pdbx_struct_oper_list.vector[3]            0.0000000000 
# 
_struct_biol.id   1 
# 
loop_
_struct_conn.id 
_struct_conn.conn_type_id 
_struct_conn.pdbx_leaving_atom_flag 
_struct_conn.pdbx_PDB_id 
_struct_conn.ptnr1_label_asym_id 
_struct_conn.ptnr1_label_comp_id 
_struct_conn.ptnr1_label_seq_id 
_struct_conn.ptnr1_label_atom_id 
_struct_conn.pdbx_ptnr1_label_alt_id 
_struct_conn.pdbx_ptnr1_PDB_ins_code 
_struct_conn.pdbx_ptnr1_standard_comp_id 
_struct_conn.ptnr1_symmetry 
_struct_conn.ptnr2_label_asym_id 
_struct_conn.ptnr2_label_comp_id 
_struct_conn.ptnr2_label_seq_id 
_struct_conn.ptnr2_label_atom_id 
_struct_conn.pdbx_ptnr2_label_alt_id 
_struct_conn.pdbx_ptnr2_PDB_ins_code 
_struct_conn.ptnr1_auth_asym_id 
_struct_conn.ptnr1_auth_comp_id 
_struct_conn.ptnr1_auth_seq_id 
_struct_conn.ptnr2_auth_asym_id 
_struct_conn.ptnr2_auth_comp_id 
_struct_conn.ptnr2_auth_seq_id 
_struct_conn.ptnr2_symmetry 
_struct_conn.pdbx_ptnr3_label_atom_id 
_struct_conn.pdbx_ptnr3_label_seq_id 
_struct_conn.pdbx_ptnr3_label_comp_id 
_struct_conn.pdbx_ptnr3_label_asym_id 
_struct_conn.pdbx_ptnr3_label_alt_id 
_struct_conn.pdbx_ptnr3_PDB_ins_code 
_struct_conn.details 
_struct_conn.pdbx_dist_value 
_struct_conn.pdbx_value_order 
_struct_conn.pdbx_role 
hydrog1  hydrog ? ? A DA 1  N1 ? ? ? 1_555 B DT 10 N3 ? ? A DA 1  B DT 20 1_555 ? ? ? ? ? ? WATSON-CRICK    ? ? ? 
hydrog2  hydrog ? ? A DA 1  N6 ? ? ? 1_555 B DT 10 O4 ? ? A DA 1  B DT 20 1_555 ? ? ? ? ? ? WATSON-CRICK    ? ? ? 
hydrog3  hydrog ? ? A DT 2  N3 ? ? ? 1_555 B DA 9  N1 ? ? A DT 2  B DA 19 1_555 ? ? ? ? ? ? WATSON-CRICK    ? ? ? 
hydrog4  hydrog ? ? A DT 2  O4 ? ? ? 1_555 B DA 9  N6 ? ? A DT 2  B DA 19 1_555 ? ? ? ? ? ? WATSON-CRICK    ? ? ? 
hydrog5  hydrog ? ? A DG 3  N2 ? ? ? 1_555 B DA 8  N7 ? ? A DG 3  B DA 18 1_555 ? ? ? ? ? ? 'DG-DA MISPAIR' ? ? ? 
hydrog6  hydrog ? ? A DA 4  N6 ? ? ? 1_555 B DG 7  N3 ? ? A DA 4  B DG 17 1_555 ? ? ? ? ? ? TYPE_11_PAIR    ? ? ? 
hydrog7  hydrog ? ? A DA 4  N7 ? ? ? 1_555 B DG 7  N2 ? ? A DA 4  B DG 17 1_555 ? ? ? ? ? ? TYPE_11_PAIR    ? ? ? 
hydrog8  hydrog ? ? A DG 5  N1 ? ? ? 1_555 B DC 6  N3 ? ? A DG 5  B DC 16 1_555 ? ? ? ? ? ? WATSON-CRICK    ? ? ? 
hydrog9  hydrog ? ? A DG 5  N2 ? ? ? 1_555 B DC 6  O2 ? ? A DG 5  B DC 16 1_555 ? ? ? ? ? ? WATSON-CRICK    ? ? ? 
hydrog10 hydrog ? ? A DG 5  O6 ? ? ? 1_555 B DC 6  N4 ? ? A DG 5  B DC 16 1_555 ? ? ? ? ? ? WATSON-CRICK    ? ? ? 
hydrog11 hydrog ? ? A DC 6  N3 ? ? ? 1_555 B DG 5  N1 ? ? A DC 6  B DG 15 1_555 ? ? ? ? ? ? WATSON-CRICK    ? ? ? 
hydrog12 hydrog ? ? A DC 6  N4 ? ? ? 1_555 B DG 5  O6 ? ? A DC 6  B DG 15 1_555 ? ? ? ? ? ? WATSON-CRICK    ? ? ? 
hydrog13 hydrog ? ? A DC 6  O2 ? ? ? 1_555 B DG 5  N2 ? ? A DC 6  B DG 15 1_555 ? ? ? ? ? ? WATSON-CRICK    ? ? ? 
hydrog14 hydrog ? ? A DG 7  N2 ? ? ? 1_555 B DA 4  N7 ? ? A DG 7  B DA 14 1_555 ? ? ? ? ? ? TYPE_11_PAIR    ? ? ? 
hydrog15 hydrog ? ? A DG 7  N3 ? ? ? 1_555 B DA 4  N6 ? ? A DG 7  B DA 14 1_555 ? ? ? ? ? ? TYPE_11_PAIR    ? ? ? 
hydrog16 hydrog ? ? A DA 8  N7 ? ? ? 1_555 B DG 3  N2 ? ? A DA 8  B DG 13 1_555 ? ? ? ? ? ? 'DA-DG MISPAIR' ? ? ? 
hydrog17 hydrog ? ? A DA 9  N1 ? ? ? 1_555 B DT 2  N3 ? ? A DA 9  B DT 12 1_555 ? ? ? ? ? ? WATSON-CRICK    ? ? ? 
hydrog18 hydrog ? ? A DA 9  N6 ? ? ? 1_555 B DT 2  O4 ? ? A DA 9  B DT 12 1_555 ? ? ? ? ? ? WATSON-CRICK    ? ? ? 
hydrog19 hydrog ? ? A DT 10 N3 ? ? ? 1_555 B DA 1  N1 ? ? A DT 10 B DA 11 1_555 ? ? ? ? ? ? WATSON-CRICK    ? ? ? 
hydrog20 hydrog ? ? A DT 10 O4 ? ? ? 1_555 B DA 1  N6 ? ? A DT 10 B DA 11 1_555 ? ? ? ? ? ? WATSON-CRICK    ? ? ? 
# 
_struct_conn_type.id          hydrog 
_struct_conn_type.criteria    ? 
_struct_conn_type.reference   ? 
# 
loop_
_pdbx_validate_rmsd_bond.id 
_pdbx_validate_rmsd_bond.PDB_model_num 
_pdbx_validate_rmsd_bond.auth_atom_id_1 
_pdbx_validate_rmsd_bond.auth_asym_id_1 
_pdbx_validate_rmsd_bond.auth_comp_id_1 
_pdbx_validate_rmsd_bond.auth_seq_id_1 
_pdbx_validate_rmsd_bond.PDB_ins_code_1 
_pdbx_validate_rmsd_bond.label_alt_id_1 
_pdbx_validate_rmsd_bond.auth_atom_id_2 
_pdbx_validate_rmsd_bond.auth_asym_id_2 
_pdbx_validate_rmsd_bond.auth_comp_id_2 
_pdbx_validate_rmsd_bond.auth_seq_id_2 
_pdbx_validate_rmsd_bond.PDB_ins_code_2 
_pdbx_validate_rmsd_bond.label_alt_id_2 
_pdbx_validate_rmsd_bond.bond_value 
_pdbx_validate_rmsd_bond.bond_target_value 
_pdbx_validate_rmsd_bond.bond_deviation 
_pdbx_validate_rmsd_bond.bond_standard_deviation 
_pdbx_validate_rmsd_bond.linker_flag 
1  1 P     A DA 1  ? ? OP2   A DA 1  ? ? 1.603 1.485 0.118  0.017 N 
2  1 P     A DA 1  ? ? OP3   A DA 1  ? ? 1.486 1.607 -0.121 0.012 N 
3  1 C5    A DT 2  ? ? C6    A DT 2  ? ? 1.393 1.339 0.054  0.007 N 
4  1 "O3'" A DG 3  ? ? "C3'" A DG 3  ? ? 1.372 1.419 -0.047 0.006 N 
5  1 "O4'" A DA 4  ? ? "C1'" A DA 4  ? ? 1.313 1.418 -0.105 0.012 N 
6  1 "C3'" A DG 5  ? ? "C2'" A DG 5  ? ? 1.608 1.518 0.090  0.012 N 
7  1 "O3'" A DG 7  ? ? "C3'" A DG 7  ? ? 1.366 1.419 -0.053 0.006 N 
8  1 "O4'" A DA 8  ? ? "C1'" A DA 8  ? ? 1.306 1.418 -0.112 0.012 N 
9  1 "O3'" A DA 9  ? ? "C3'" A DA 9  ? ? 1.373 1.419 -0.046 0.006 N 
10 1 C5    A DT 10 ? ? C6    A DT 10 ? ? 1.391 1.339 0.052  0.007 N 
11 1 P     B DA 11 ? ? OP2   B DA 11 ? ? 1.604 1.485 0.119  0.017 N 
12 1 P     B DA 11 ? ? OP3   B DA 11 ? ? 1.486 1.607 -0.121 0.012 N 
13 1 C5    B DT 12 ? ? C6    B DT 12 ? ? 1.394 1.339 0.055  0.007 N 
14 1 "O3'" B DG 13 ? ? "C3'" B DG 13 ? ? 1.373 1.419 -0.046 0.006 N 
15 1 "O4'" B DA 14 ? ? "C1'" B DA 14 ? ? 1.313 1.418 -0.105 0.012 N 
16 1 "C3'" B DG 15 ? ? "C2'" B DG 15 ? ? 1.609 1.518 0.091  0.012 N 
17 1 "O3'" B DG 17 ? ? "C3'" B DG 17 ? ? 1.367 1.419 -0.052 0.006 N 
18 1 "O4'" B DA 18 ? ? "C1'" B DA 18 ? ? 1.305 1.418 -0.113 0.012 N 
19 1 "O3'" B DA 19 ? ? "C3'" B DA 19 ? ? 1.373 1.419 -0.046 0.006 N 
20 1 C5    B DT 20 ? ? C6    B DT 20 ? ? 1.392 1.339 0.053  0.007 N 
# 
loop_
_pdbx_validate_rmsd_angle.id 
_pdbx_validate_rmsd_angle.PDB_model_num 
_pdbx_validate_rmsd_angle.auth_atom_id_1 
_pdbx_validate_rmsd_angle.auth_asym_id_1 
_pdbx_validate_rmsd_angle.auth_comp_id_1 
_pdbx_validate_rmsd_angle.auth_seq_id_1 
_pdbx_validate_rmsd_angle.PDB_ins_code_1 
_pdbx_validate_rmsd_angle.label_alt_id_1 
_pdbx_validate_rmsd_angle.auth_atom_id_2 
_pdbx_validate_rmsd_angle.auth_asym_id_2 
_pdbx_validate_rmsd_angle.auth_comp_id_2 
_pdbx_validate_rmsd_angle.auth_seq_id_2 
_pdbx_validate_rmsd_angle.PDB_ins_code_2 
_pdbx_validate_rmsd_angle.label_alt_id_2 
_pdbx_validate_rmsd_angle.auth_atom_id_3 
_pdbx_validate_rmsd_angle.auth_asym_id_3 
_pdbx_validate_rmsd_angle.auth_comp_id_3 
_pdbx_validate_rmsd_angle.auth_seq_id_3 
_pdbx_validate_rmsd_angle.PDB_ins_code_3 
_pdbx_validate_rmsd_angle.label_alt_id_3 
_pdbx_validate_rmsd_angle.angle_value 
_pdbx_validate_rmsd_angle.angle_target_value 
_pdbx_validate_rmsd_angle.angle_deviation 
_pdbx_validate_rmsd_angle.angle_standard_deviation 
_pdbx_validate_rmsd_angle.linker_flag 
1  1 OP1   A DA 1  ? ? P     A DA 1  ? ? OP2   A DA 1  ? ? 109.60 119.60 -10.00 1.50 N 
2  1 "C3'" A DA 1  ? ? "O3'" A DA 1  ? ? P     A DT 2  ? ? 136.26 119.70 16.56  1.20 Y 
3  1 N1    A DT 2  ? ? C2    A DT 2  ? ? N3    A DT 2  ? ? 118.31 114.60 3.71   0.60 N 
4  1 C2    A DT 2  ? ? N3    A DT 2  ? ? C4    A DT 2  ? ? 122.80 127.20 -4.40  0.60 N 
5  1 C5    A DT 2  ? ? C6    A DT 2  ? ? N1    A DT 2  ? ? 119.96 123.70 -3.74  0.60 N 
6  1 "O4'" A DG 3  ? ? "C1'" A DG 3  ? ? N9    A DG 3  ? ? 102.47 108.00 -5.53  0.70 N 
7  1 "C1'" A DA 4  ? ? "O4'" A DA 4  ? ? "C4'" A DA 4  ? ? 114.73 110.30 4.43   0.70 N 
8  1 "O4'" A DA 4  ? ? "C1'" A DA 4  ? ? N9    A DA 4  ? ? 116.01 108.30 7.71   0.30 N 
9  1 "C5'" A DG 5  ? ? "C4'" A DG 5  ? ? "O4'" A DG 5  ? ? 116.45 109.80 6.65   1.10 N 
10 1 "O4'" A DG 5  ? ? "C1'" A DG 5  ? ? N9    A DG 5  ? ? 101.09 108.00 -6.91  0.70 N 
11 1 "C3'" A DG 5  ? ? "O3'" A DG 5  ? ? P     A DC 6  ? ? 134.72 119.70 15.02  1.20 Y 
12 1 "C3'" A DG 7  ? ? "O3'" A DG 7  ? ? P     A DA 8  ? ? 130.15 119.70 10.45  1.20 Y 
13 1 "O4'" A DA 8  ? ? "C1'" A DA 8  ? ? N9    A DA 8  ? ? 115.97 108.30 7.67   0.30 N 
14 1 "C3'" A DA 8  ? ? "O3'" A DA 8  ? ? P     A DA 9  ? ? 131.29 119.70 11.59  1.20 Y 
15 1 "C5'" A DA 9  ? ? "C4'" A DA 9  ? ? "O4'" A DA 9  ? ? 117.34 109.80 7.54   1.10 N 
16 1 "O4'" A DA 9  ? ? "C1'" A DA 9  ? ? N9    A DA 9  ? ? 99.71  108.00 -8.29  0.70 N 
17 1 "C3'" A DA 9  ? ? "O3'" A DA 9  ? ? P     A DT 10 ? ? 130.92 119.70 11.22  1.20 Y 
18 1 "O4'" A DT 10 ? ? "C1'" A DT 10 ? ? N1    A DT 10 ? ? 101.83 108.00 -6.17  0.70 N 
19 1 C2    A DT 10 ? ? N3    A DT 10 ? ? C4    A DT 10 ? ? 122.80 127.20 -4.40  0.60 N 
20 1 C5    A DT 10 ? ? C6    A DT 10 ? ? N1    A DT 10 ? ? 119.92 123.70 -3.78  0.60 N 
21 1 OP1   B DA 11 ? ? P     B DA 11 ? ? OP2   B DA 11 ? ? 109.50 119.60 -10.10 1.50 N 
22 1 "C3'" B DA 11 ? ? "O3'" B DA 11 ? ? P     B DT 12 ? ? 136.20 119.70 16.50  1.20 Y 
23 1 N1    B DT 12 ? ? C2    B DT 12 ? ? N3    B DT 12 ? ? 118.35 114.60 3.75   0.60 N 
24 1 C2    B DT 12 ? ? N3    B DT 12 ? ? C4    B DT 12 ? ? 122.81 127.20 -4.39  0.60 N 
25 1 C5    B DT 12 ? ? C6    B DT 12 ? ? N1    B DT 12 ? ? 119.90 123.70 -3.80  0.60 N 
26 1 "O4'" B DG 13 ? ? "C1'" B DG 13 ? ? N9    B DG 13 ? ? 102.48 108.00 -5.52  0.70 N 
27 1 "C1'" B DA 14 ? ? "O4'" B DA 14 ? ? "C4'" B DA 14 ? ? 114.60 110.30 4.30   0.70 N 
28 1 "O4'" B DA 14 ? ? "C1'" B DA 14 ? ? N9    B DA 14 ? ? 115.98 108.30 7.68   0.30 N 
29 1 "C5'" B DG 15 ? ? "C4'" B DG 15 ? ? "O4'" B DG 15 ? ? 116.43 109.80 6.63   1.10 N 
30 1 "O4'" B DG 15 ? ? "C1'" B DG 15 ? ? N9    B DG 15 ? ? 101.07 108.00 -6.93  0.70 N 
31 1 "C3'" B DG 15 ? ? "O3'" B DG 15 ? ? P     B DC 16 ? ? 134.75 119.70 15.05  1.20 Y 
32 1 "C3'" B DG 17 ? ? "O3'" B DG 17 ? ? P     B DA 18 ? ? 130.15 119.70 10.45  1.20 Y 
33 1 "O4'" B DA 18 ? ? "C1'" B DA 18 ? ? N9    B DA 18 ? ? 116.00 108.30 7.70   0.30 N 
34 1 "C3'" B DA 18 ? ? "O3'" B DA 18 ? ? P     B DA 19 ? ? 131.44 119.70 11.74  1.20 Y 
35 1 "C5'" B DA 19 ? ? "C4'" B DA 19 ? ? "O4'" B DA 19 ? ? 117.32 109.80 7.52   1.10 N 
36 1 "O4'" B DA 19 ? ? "C1'" B DA 19 ? ? N9    B DA 19 ? ? 99.70  108.00 -8.30  0.70 N 
37 1 "C3'" B DA 19 ? ? "O3'" B DA 19 ? ? P     B DT 20 ? ? 130.99 119.70 11.29  1.20 Y 
38 1 "O4'" B DT 20 ? ? "C1'" B DT 20 ? ? N1    B DT 20 ? ? 101.90 108.00 -6.10  0.70 N 
39 1 C2    B DT 20 ? ? N3    B DT 20 ? ? C4    B DT 20 ? ? 122.80 127.20 -4.40  0.60 N 
40 1 C5    B DT 20 ? ? C6    B DT 20 ? ? N1    B DT 20 ? ? 119.92 123.70 -3.78  0.60 N 
# 
_pdbx_nmr_ensemble.entry_id                                      1D69 
_pdbx_nmr_ensemble.conformers_calculated_total_number            ? 
_pdbx_nmr_ensemble.conformers_submitted_total_number             1 
_pdbx_nmr_ensemble.conformer_selection_criteria                  ? 
_pdbx_nmr_ensemble.average_constraints_per_residue               ? 
_pdbx_nmr_ensemble.average_constraint_violations_per_residue     ? 
_pdbx_nmr_ensemble.maximum_distance_constraint_violation         ? 
_pdbx_nmr_ensemble.average_distance_constraint_violation         ? 
_pdbx_nmr_ensemble.maximum_upper_distance_constraint_violation   ? 
_pdbx_nmr_ensemble.maximum_lower_distance_constraint_violation   ? 
_pdbx_nmr_ensemble.distance_constraint_violation_method          ? 
_pdbx_nmr_ensemble.maximum_torsion_angle_constraint_violation    ? 
_pdbx_nmr_ensemble.average_torsion_angle_constraint_violation    ? 
_pdbx_nmr_ensemble.torsion_angle_constraint_violation_method     ? 
# 
_pdbx_nmr_details.entry_id   1D69 
_pdbx_nmr_details.text       
;THE 3' OVERHANGING ADENOSINE RESIDUES WERE NOT INCLUDED IN THE BACK-CALCULATION AND NO COORDINATES ARE PRESENTED FOR THEM IN THIS ENTRY.
;
# 
loop_
_pdbx_unobs_or_zero_occ_residues.id 
_pdbx_unobs_or_zero_occ_residues.PDB_model_num 
_pdbx_unobs_or_zero_occ_residues.polymer_flag 
_pdbx_unobs_or_zero_occ_residues.occupancy_flag 
_pdbx_unobs_or_zero_occ_residues.auth_asym_id 
_pdbx_unobs_or_zero_occ_residues.auth_comp_id 
_pdbx_unobs_or_zero_occ_residues.auth_seq_id 
_pdbx_unobs_or_zero_occ_residues.PDB_ins_code 
_pdbx_unobs_or_zero_occ_residues.label_asym_id 
_pdbx_unobs_or_zero_occ_residues.label_comp_id 
_pdbx_unobs_or_zero_occ_residues.label_seq_id 
1 1 Y 1 A DA 11 ? A DA 11 
2 1 Y 1 B DA 21 ? B DA 11 
# 
loop_
_chem_comp_atom.comp_id 
_chem_comp_atom.atom_id 
_chem_comp_atom.type_symbol 
_chem_comp_atom.pdbx_aromatic_flag 
_chem_comp_atom.pdbx_stereo_config 
_chem_comp_atom.pdbx_ordinal 
DA OP3    O N N 1   
DA P      P N N 2   
DA OP1    O N N 3   
DA OP2    O N N 4   
DA "O5'"  O N N 5   
DA "C5'"  C N N 6   
DA "C4'"  C N R 7   
DA "O4'"  O N N 8   
DA "C3'"  C N S 9   
DA "O3'"  O N N 10  
DA "C2'"  C N N 11  
DA "C1'"  C N R 12  
DA N9     N Y N 13  
DA C8     C Y N 14  
DA N7     N Y N 15  
DA C5     C Y N 16  
DA C6     C Y N 17  
DA N6     N N N 18  
DA N1     N Y N 19  
DA C2     C Y N 20  
DA N3     N Y N 21  
DA C4     C Y N 22  
DA HOP3   H N N 23  
DA HOP2   H N N 24  
DA "H5'"  H N N 25  
DA "H5''" H N N 26  
DA "H4'"  H N N 27  
DA "H3'"  H N N 28  
DA "HO3'" H N N 29  
DA "H2'"  H N N 30  
DA "H2''" H N N 31  
DA "H1'"  H N N 32  
DA H8     H N N 33  
DA H61    H N N 34  
DA H62    H N N 35  
DA H2     H N N 36  
DC OP3    O N N 37  
DC P      P N N 38  
DC OP1    O N N 39  
DC OP2    O N N 40  
DC "O5'"  O N N 41  
DC "C5'"  C N N 42  
DC "C4'"  C N R 43  
DC "O4'"  O N N 44  
DC "C3'"  C N S 45  
DC "O3'"  O N N 46  
DC "C2'"  C N N 47  
DC "C1'"  C N R 48  
DC N1     N N N 49  
DC C2     C N N 50  
DC O2     O N N 51  
DC N3     N N N 52  
DC C4     C N N 53  
DC N4     N N N 54  
DC C5     C N N 55  
DC C6     C N N 56  
DC HOP3   H N N 57  
DC HOP2   H N N 58  
DC "H5'"  H N N 59  
DC "H5''" H N N 60  
DC "H4'"  H N N 61  
DC "H3'"  H N N 62  
DC "HO3'" H N N 63  
DC "H2'"  H N N 64  
DC "H2''" H N N 65  
DC "H1'"  H N N 66  
DC H41    H N N 67  
DC H42    H N N 68  
DC H5     H N N 69  
DC H6     H N N 70  
DG OP3    O N N 71  
DG P      P N N 72  
DG OP1    O N N 73  
DG OP2    O N N 74  
DG "O5'"  O N N 75  
DG "C5'"  C N N 76  
DG "C4'"  C N R 77  
DG "O4'"  O N N 78  
DG "C3'"  C N S 79  
DG "O3'"  O N N 80  
DG "C2'"  C N N 81  
DG "C1'"  C N R 82  
DG N9     N Y N 83  
DG C8     C Y N 84  
DG N7     N Y N 85  
DG C5     C Y N 86  
DG C6     C N N 87  
DG O6     O N N 88  
DG N1     N N N 89  
DG C2     C N N 90  
DG N2     N N N 91  
DG N3     N N N 92  
DG C4     C Y N 93  
DG HOP3   H N N 94  
DG HOP2   H N N 95  
DG "H5'"  H N N 96  
DG "H5''" H N N 97  
DG "H4'"  H N N 98  
DG "H3'"  H N N 99  
DG "HO3'" H N N 100 
DG "H2'"  H N N 101 
DG "H2''" H N N 102 
DG "H1'"  H N N 103 
DG H8     H N N 104 
DG H1     H N N 105 
DG H21    H N N 106 
DG H22    H N N 107 
DT OP3    O N N 108 
DT P      P N N 109 
DT OP1    O N N 110 
DT OP2    O N N 111 
DT "O5'"  O N N 112 
DT "C5'"  C N N 113 
DT "C4'"  C N R 114 
DT "O4'"  O N N 115 
DT "C3'"  C N S 116 
DT "O3'"  O N N 117 
DT "C2'"  C N N 118 
DT "C1'"  C N R 119 
DT N1     N N N 120 
DT C2     C N N 121 
DT O2     O N N 122 
DT N3     N N N 123 
DT C4     C N N 124 
DT O4     O N N 125 
DT C5     C N N 126 
DT C7     C N N 127 
DT C6     C N N 128 
DT HOP3   H N N 129 
DT HOP2   H N N 130 
DT "H5'"  H N N 131 
DT "H5''" H N N 132 
DT "H4'"  H N N 133 
DT "H3'"  H N N 134 
DT "HO3'" H N N 135 
DT "H2'"  H N N 136 
DT "H2''" H N N 137 
DT "H1'"  H N N 138 
DT H3     H N N 139 
DT H71    H N N 140 
DT H72    H N N 141 
DT H73    H N N 142 
DT H6     H N N 143 
# 
loop_
_chem_comp_bond.comp_id 
_chem_comp_bond.atom_id_1 
_chem_comp_bond.atom_id_2 
_chem_comp_bond.value_order 
_chem_comp_bond.pdbx_aromatic_flag 
_chem_comp_bond.pdbx_stereo_config 
_chem_comp_bond.pdbx_ordinal 
DA OP3   P      sing N N 1   
DA OP3   HOP3   sing N N 2   
DA P     OP1    doub N N 3   
DA P     OP2    sing N N 4   
DA P     "O5'"  sing N N 5   
DA OP2   HOP2   sing N N 6   
DA "O5'" "C5'"  sing N N 7   
DA "C5'" "C4'"  sing N N 8   
DA "C5'" "H5'"  sing N N 9   
DA "C5'" "H5''" sing N N 10  
DA "C4'" "O4'"  sing N N 11  
DA "C4'" "C3'"  sing N N 12  
DA "C4'" "H4'"  sing N N 13  
DA "O4'" "C1'"  sing N N 14  
DA "C3'" "O3'"  sing N N 15  
DA "C3'" "C2'"  sing N N 16  
DA "C3'" "H3'"  sing N N 17  
DA "O3'" "HO3'" sing N N 18  
DA "C2'" "C1'"  sing N N 19  
DA "C2'" "H2'"  sing N N 20  
DA "C2'" "H2''" sing N N 21  
DA "C1'" N9     sing N N 22  
DA "C1'" "H1'"  sing N N 23  
DA N9    C8     sing Y N 24  
DA N9    C4     sing Y N 25  
DA C8    N7     doub Y N 26  
DA C8    H8     sing N N 27  
DA N7    C5     sing Y N 28  
DA C5    C6     sing Y N 29  
DA C5    C4     doub Y N 30  
DA C6    N6     sing N N 31  
DA C6    N1     doub Y N 32  
DA N6    H61    sing N N 33  
DA N6    H62    sing N N 34  
DA N1    C2     sing Y N 35  
DA C2    N3     doub Y N 36  
DA C2    H2     sing N N 37  
DA N3    C4     sing Y N 38  
DC OP3   P      sing N N 39  
DC OP3   HOP3   sing N N 40  
DC P     OP1    doub N N 41  
DC P     OP2    sing N N 42  
DC P     "O5'"  sing N N 43  
DC OP2   HOP2   sing N N 44  
DC "O5'" "C5'"  sing N N 45  
DC "C5'" "C4'"  sing N N 46  
DC "C5'" "H5'"  sing N N 47  
DC "C5'" "H5''" sing N N 48  
DC "C4'" "O4'"  sing N N 49  
DC "C4'" "C3'"  sing N N 50  
DC "C4'" "H4'"  sing N N 51  
DC "O4'" "C1'"  sing N N 52  
DC "C3'" "O3'"  sing N N 53  
DC "C3'" "C2'"  sing N N 54  
DC "C3'" "H3'"  sing N N 55  
DC "O3'" "HO3'" sing N N 56  
DC "C2'" "C1'"  sing N N 57  
DC "C2'" "H2'"  sing N N 58  
DC "C2'" "H2''" sing N N 59  
DC "C1'" N1     sing N N 60  
DC "C1'" "H1'"  sing N N 61  
DC N1    C2     sing N N 62  
DC N1    C6     sing N N 63  
DC C2    O2     doub N N 64  
DC C2    N3     sing N N 65  
DC N3    C4     doub N N 66  
DC C4    N4     sing N N 67  
DC C4    C5     sing N N 68  
DC N4    H41    sing N N 69  
DC N4    H42    sing N N 70  
DC C5    C6     doub N N 71  
DC C5    H5     sing N N 72  
DC C6    H6     sing N N 73  
DG OP3   P      sing N N 74  
DG OP3   HOP3   sing N N 75  
DG P     OP1    doub N N 76  
DG P     OP2    sing N N 77  
DG P     "O5'"  sing N N 78  
DG OP2   HOP2   sing N N 79  
DG "O5'" "C5'"  sing N N 80  
DG "C5'" "C4'"  sing N N 81  
DG "C5'" "H5'"  sing N N 82  
DG "C5'" "H5''" sing N N 83  
DG "C4'" "O4'"  sing N N 84  
DG "C4'" "C3'"  sing N N 85  
DG "C4'" "H4'"  sing N N 86  
DG "O4'" "C1'"  sing N N 87  
DG "C3'" "O3'"  sing N N 88  
DG "C3'" "C2'"  sing N N 89  
DG "C3'" "H3'"  sing N N 90  
DG "O3'" "HO3'" sing N N 91  
DG "C2'" "C1'"  sing N N 92  
DG "C2'" "H2'"  sing N N 93  
DG "C2'" "H2''" sing N N 94  
DG "C1'" N9     sing N N 95  
DG "C1'" "H1'"  sing N N 96  
DG N9    C8     sing Y N 97  
DG N9    C4     sing Y N 98  
DG C8    N7     doub Y N 99  
DG C8    H8     sing N N 100 
DG N7    C5     sing Y N 101 
DG C5    C6     sing N N 102 
DG C5    C4     doub Y N 103 
DG C6    O6     doub N N 104 
DG C6    N1     sing N N 105 
DG N1    C2     sing N N 106 
DG N1    H1     sing N N 107 
DG C2    N2     sing N N 108 
DG C2    N3     doub N N 109 
DG N2    H21    sing N N 110 
DG N2    H22    sing N N 111 
DG N3    C4     sing N N 112 
DT OP3   P      sing N N 113 
DT OP3   HOP3   sing N N 114 
DT P     OP1    doub N N 115 
DT P     OP2    sing N N 116 
DT P     "O5'"  sing N N 117 
DT OP2   HOP2   sing N N 118 
DT "O5'" "C5'"  sing N N 119 
DT "C5'" "C4'"  sing N N 120 
DT "C5'" "H5'"  sing N N 121 
DT "C5'" "H5''" sing N N 122 
DT "C4'" "O4'"  sing N N 123 
DT "C4'" "C3'"  sing N N 124 
DT "C4'" "H4'"  sing N N 125 
DT "O4'" "C1'"  sing N N 126 
DT "C3'" "O3'"  sing N N 127 
DT "C3'" "C2'"  sing N N 128 
DT "C3'" "H3'"  sing N N 129 
DT "O3'" "HO3'" sing N N 130 
DT "C2'" "C1'"  sing N N 131 
DT "C2'" "H2'"  sing N N 132 
DT "C2'" "H2''" sing N N 133 
DT "C1'" N1     sing N N 134 
DT "C1'" "H1'"  sing N N 135 
DT N1    C2     sing N N 136 
DT N1    C6     sing N N 137 
DT C2    O2     doub N N 138 
DT C2    N3     sing N N 139 
DT N3    C4     sing N N 140 
DT N3    H3     sing N N 141 
DT C4    O4     doub N N 142 
DT C4    C5     sing N N 143 
DT C5    C7     sing N N 144 
DT C5    C6     doub N N 145 
DT C7    H71    sing N N 146 
DT C7    H72    sing N N 147 
DT C7    H73    sing N N 148 
DT C6    H6     sing N N 149 
# 
loop_
_ndb_struct_conf_na.entry_id 
_ndb_struct_conf_na.feature 
1D69 'double helix'         
1D69 'b-form double helix'  
1D69 'mismatched base pair' 
# 
loop_
_ndb_struct_na_base_pair.model_number 
_ndb_struct_na_base_pair.i_label_asym_id 
_ndb_struct_na_base_pair.i_label_comp_id 
_ndb_struct_na_base_pair.i_label_seq_id 
_ndb_struct_na_base_pair.i_symmetry 
_ndb_struct_na_base_pair.j_label_asym_id 
_ndb_struct_na_base_pair.j_label_comp_id 
_ndb_struct_na_base_pair.j_label_seq_id 
_ndb_struct_na_base_pair.j_symmetry 
_ndb_struct_na_base_pair.shear 
_ndb_struct_na_base_pair.stretch 
_ndb_struct_na_base_pair.stagger 
_ndb_struct_na_base_pair.buckle 
_ndb_struct_na_base_pair.propeller 
_ndb_struct_na_base_pair.opening 
_ndb_struct_na_base_pair.pair_number 
_ndb_struct_na_base_pair.pair_name 
_ndb_struct_na_base_pair.i_auth_asym_id 
_ndb_struct_na_base_pair.i_auth_seq_id 
_ndb_struct_na_base_pair.i_PDB_ins_code 
_ndb_struct_na_base_pair.j_auth_asym_id 
_ndb_struct_na_base_pair.j_auth_seq_id 
_ndb_struct_na_base_pair.j_PDB_ins_code 
_ndb_struct_na_base_pair.hbond_type_28 
_ndb_struct_na_base_pair.hbond_type_12 
1 A DA 1  1_555 B DT 10 1_555 0.088  -0.064 0.072  1.621   -3.147 -1.081  1  A_DA1:DT20_B  A 1  ? B 20 ? 20 1  
1 A DT 2  1_555 B DA 9  1_555 0.170  -0.142 0.504  -2.284  4.627  1.076   2  A_DT2:DA19_B  A 2  ? B 19 ? 20 1  
1 A DG 3  1_555 B DA 8  1_555 6.760  -4.529 0.779  27.759  10.833 -10.674 3  A_DG3:DA18_B  A 3  ? B 18 ? ?  ?  
1 A DA 4  1_555 B DG 7  1_555 -6.841 -4.327 0.112  -28.853 -0.406 -15.876 4  A_DA4:DG17_B  A 4  ? B 17 ? 11 10 
1 A DG 5  1_555 B DC 6  1_555 0.121  -0.154 -0.557 -0.979  4.490  -0.364  5  A_DG5:DC16_B  A 5  ? B 16 ? 19 1  
1 A DC 6  1_555 B DG 5  1_555 -0.122 -0.154 -0.557 1.022   4.488  -0.362  6  A_DC6:DG15_B  A 6  ? B 15 ? 19 1  
1 A DG 7  1_555 B DA 4  1_555 6.841  -4.326 0.114  28.898  -0.432 -15.841 7  A_DG7:DA14_B  A 7  ? B 14 ? 11 10 
1 A DA 8  1_555 B DG 3  1_555 -6.761 -4.527 0.775  -27.825 10.775 -10.662 8  A_DA8:DG13_B  A 8  ? B 13 ? ?  ?  
1 A DA 9  1_555 B DT 2  1_555 -0.169 -0.143 0.500  2.214   4.668  1.056   9  A_DA9:DT12_B  A 9  ? B 12 ? 20 1  
1 A DT 10 1_555 B DA 1  1_555 -0.088 -0.064 0.068  -1.647  -3.080 -1.121  10 A_DT10:DA11_B A 10 ? B 11 ? 20 1  
# 
loop_
_ndb_struct_na_base_pair_step.model_number 
_ndb_struct_na_base_pair_step.i_label_asym_id_1 
_ndb_struct_na_base_pair_step.i_label_comp_id_1 
_ndb_struct_na_base_pair_step.i_label_seq_id_1 
_ndb_struct_na_base_pair_step.i_symmetry_1 
_ndb_struct_na_base_pair_step.j_label_asym_id_1 
_ndb_struct_na_base_pair_step.j_label_comp_id_1 
_ndb_struct_na_base_pair_step.j_label_seq_id_1 
_ndb_struct_na_base_pair_step.j_symmetry_1 
_ndb_struct_na_base_pair_step.i_label_asym_id_2 
_ndb_struct_na_base_pair_step.i_label_comp_id_2 
_ndb_struct_na_base_pair_step.i_label_seq_id_2 
_ndb_struct_na_base_pair_step.i_symmetry_2 
_ndb_struct_na_base_pair_step.j_label_asym_id_2 
_ndb_struct_na_base_pair_step.j_label_comp_id_2 
_ndb_struct_na_base_pair_step.j_label_seq_id_2 
_ndb_struct_na_base_pair_step.j_symmetry_2 
_ndb_struct_na_base_pair_step.shift 
_ndb_struct_na_base_pair_step.slide 
_ndb_struct_na_base_pair_step.rise 
_ndb_struct_na_base_pair_step.tilt 
_ndb_struct_na_base_pair_step.roll 
_ndb_struct_na_base_pair_step.twist 
_ndb_struct_na_base_pair_step.x_displacement 
_ndb_struct_na_base_pair_step.y_displacement 
_ndb_struct_na_base_pair_step.helical_rise 
_ndb_struct_na_base_pair_step.inclination 
_ndb_struct_na_base_pair_step.tip 
_ndb_struct_na_base_pair_step.helical_twist 
_ndb_struct_na_base_pair_step.step_number 
_ndb_struct_na_base_pair_step.step_name 
_ndb_struct_na_base_pair_step.i_auth_asym_id_1 
_ndb_struct_na_base_pair_step.i_auth_seq_id_1 
_ndb_struct_na_base_pair_step.i_PDB_ins_code_1 
_ndb_struct_na_base_pair_step.j_auth_asym_id_1 
_ndb_struct_na_base_pair_step.j_auth_seq_id_1 
_ndb_struct_na_base_pair_step.j_PDB_ins_code_1 
_ndb_struct_na_base_pair_step.i_auth_asym_id_2 
_ndb_struct_na_base_pair_step.i_auth_seq_id_2 
_ndb_struct_na_base_pair_step.i_PDB_ins_code_2 
_ndb_struct_na_base_pair_step.j_auth_asym_id_2 
_ndb_struct_na_base_pair_step.j_auth_seq_id_2 
_ndb_struct_na_base_pair_step.j_PDB_ins_code_2 
1 A DA 1 1_555 B DT 10 1_555 A DT 2  1_555 B DA 9 1_555 0.031  -1.388 3.493 -0.847 4.450  31.544  -3.371 -0.217 3.270 8.132  1.549 
31.859  1 AA_DA1DT2:DA19DT20_BB  A 1 ? B 20 ? A 2  ? B 19 ? 
1 A DT 2 1_555 B DA 9  1_555 A DG 3  1_555 B DA 8 1_555 0.009  0.668  3.337 -3.247 2.007  63.549  0.544  -0.153 3.350 1.904  3.080 
63.652  2 AA_DT2DG3:DA18DA19_BB  A 2 ? B 19 ? A 3  ? B 18 ? 
1 A DG 3 1_555 B DA 8  1_555 A DA 4  1_555 B DG 7 1_555 -0.394 -1.797 4.123 1.865  -2.656 -12.045 12.137 0.903  3.659 12.366 8.685 
-12.473 3 AA_DG3DA4:DG17DA18_BB  A 3 ? B 18 ? A 4  ? B 17 ? 
1 A DA 4 1_555 B DG 7  1_555 A DG 5  1_555 B DC 6 1_555 0.279  1.229  3.271 4.602  -0.079 60.251  1.225  -0.052 3.281 -0.078 
-4.577 60.410  4 AA_DA4DG5:DC16DG17_BB  A 4 ? B 17 ? A 5  ? B 16 ? 
1 A DG 5 1_555 B DC 6  1_555 A DC 6  1_555 B DG 5 1_555 -0.001 -0.833 3.011 -0.037 13.097 29.561  -3.525 -0.004 2.433 24.226 0.068 
32.273  5 AA_DG5DC6:DG15DC16_BB  A 5 ? B 16 ? A 6  ? B 15 ? 
1 A DC 6 1_555 B DG 5  1_555 A DG 7  1_555 B DA 4 1_555 -0.279 1.229  3.271 -4.610 -0.005 60.244  1.222  0.052  3.283 -0.005 4.586 
60.404  6 AA_DC6DG7:DA14DG15_BB  A 6 ? B 15 ? A 7  ? B 14 ? 
1 A DG 7 1_555 B DA 4  1_555 A DA 8  1_555 B DG 3 1_555 0.393  -1.799 4.123 -1.867 -2.554 -12.058 12.015 -0.917 3.680 11.894 
-8.695 -12.465 7 AA_DG7DA8:DG13DA14_BB  A 7 ? B 14 ? A 8  ? B 13 ? 
1 A DA 8 1_555 B DG 3  1_555 A DA 9  1_555 B DT 2 1_555 -0.004 0.664  3.337 3.224  2.048  63.522  0.539  0.147  3.351 1.944  
-3.060 63.624  8 AA_DA8DA9:DT12DG13_BB  A 8 ? B 13 ? A 9  ? B 12 ? 
1 A DA 9 1_555 B DT 2  1_555 A DT 10 1_555 B DA 1 1_555 -0.030 -1.391 3.492 0.873  4.477  31.518  -3.384 0.220  3.266 8.188  
-1.597 31.838  9 AA_DA9DT10:DA11DT12_BB A 9 ? B 12 ? A 10 ? B 11 ? 
# 
_atom_sites.entry_id                    1D69 
_atom_sites.fract_transf_matrix[1][1]   1.000000 
_atom_sites.fract_transf_matrix[1][2]   0.000000 
_atom_sites.fract_transf_matrix[1][3]   0.000000 
_atom_sites.fract_transf_matrix[2][1]   0.000000 
_atom_sites.fract_transf_matrix[2][2]   1.000000 
_atom_sites.fract_transf_matrix[2][3]   0.000000 
_atom_sites.fract_transf_matrix[3][1]   0.000000 
_atom_sites.fract_transf_matrix[3][2]   0.000000 
_atom_sites.fract_transf_matrix[3][3]   1.000000 
_atom_sites.fract_transf_vector[1]      0.00000 
_atom_sites.fract_transf_vector[2]      0.00000 
_atom_sites.fract_transf_vector[3]      0.00000 
# 
loop_
_atom_type.symbol 
C 
H 
N 
O 
P 
# 
loop_
_atom_site.group_PDB 
_atom_site.id 
_atom_site.type_symbol 
_atom_site.label_atom_id 
_atom_site.label_alt_id 
_atom_site.label_comp_id 
_atom_site.label_asym_id 
_atom_site.label_entity_id 
_atom_site.label_seq_id 
_atom_site.pdbx_PDB_ins_code 
_atom_site.Cartn_x 
_atom_site.Cartn_y 
_atom_site.Cartn_z 
_atom_site.occupancy 
_atom_site.B_iso_or_equiv 
_atom_site.pdbx_formal_charge 
_atom_site.auth_seq_id 
_atom_site.auth_comp_id 
_atom_site.auth_asym_id 
_atom_site.auth_atom_id 
_atom_site.pdbx_PDB_model_num 
ATOM 1   O OP3    . DA A 1 1  ? -11.806 12.662  -13.187 1.00 0.00 ? 1  DA A OP3    1 
ATOM 2   P P      . DA A 1 1  ? -10.646 13.173  -13.963 1.00 0.00 ? 1  DA A P      1 
ATOM 3   O OP1    . DA A 1 1  ? -10.980 13.963  -15.167 1.00 0.00 ? 1  DA A OP1    1 
ATOM 4   O OP2    . DA A 1 1  ? -9.710  14.040  -12.993 1.00 0.00 ? 1  DA A OP2    1 
ATOM 5   O "O5'"  . DA A 1 1  ? -9.682  11.965  -14.343 1.00 0.00 ? 1  DA A "O5'"  1 
ATOM 6   C "C5'"  . DA A 1 1  ? -8.838  11.364  -13.328 1.00 0.00 ? 1  DA A "C5'"  1 
ATOM 7   C "C4'"  . DA A 1 1  ? -9.027  9.865   -13.293 1.00 0.00 ? 1  DA A "C4'"  1 
ATOM 8   O "O4'"  . DA A 1 1  ? -7.888  9.181   -13.828 1.00 0.00 ? 1  DA A "O4'"  1 
ATOM 9   C "C3'"  . DA A 1 1  ? -9.280  9.217   -11.910 1.00 0.00 ? 1  DA A "C3'"  1 
ATOM 10  O "O3'"  . DA A 1 1  ? -10.234 8.224   -12.049 1.00 0.00 ? 1  DA A "O3'"  1 
ATOM 11  C "C2'"  . DA A 1 1  ? -7.916  8.553   -11.584 1.00 0.00 ? 1  DA A "C2'"  1 
ATOM 12  C "C1'"  . DA A 1 1  ? -7.539  8.097   -12.942 1.00 0.00 ? 1  DA A "C1'"  1 
ATOM 13  N N9     . DA A 1 1  ? -6.093  7.802   -13.160 1.00 0.00 ? 1  DA A N9     1 
ATOM 14  C C8     . DA A 1 1  ? -5.025  8.639   -13.001 1.00 0.00 ? 1  DA A C8     1 
ATOM 15  N N7     . DA A 1 1  ? -3.893  8.115   -13.361 1.00 0.00 ? 1  DA A N7     1 
ATOM 16  C C5     . DA A 1 1  ? -4.228  6.822   -13.738 1.00 0.00 ? 1  DA A C5     1 
ATOM 17  C C6     . DA A 1 1  ? -3.460  5.746   -14.213 1.00 0.00 ? 1  DA A C6     1 
ATOM 18  N N6     . DA A 1 1  ? -2.132  5.802   -14.384 1.00 0.00 ? 1  DA A N6     1 
ATOM 19  N N1     . DA A 1 1  ? -4.112  4.610   -14.523 1.00 0.00 ? 1  DA A N1     1 
ATOM 20  C C2     . DA A 1 1  ? -5.431  4.556   -14.344 1.00 0.00 ? 1  DA A C2     1 
ATOM 21  N N3     . DA A 1 1  ? -6.246  5.487   -13.895 1.00 0.00 ? 1  DA A N3     1 
ATOM 22  C C4     . DA A 1 1  ? -5.569  6.611   -13.586 1.00 0.00 ? 1  DA A C4     1 
ATOM 23  H "H5'"  . DA A 1 1  ? -9.059  11.821  -12.365 1.00 0.00 ? 1  DA A "H5'"  1 
ATOM 24  H "H5''" . DA A 1 1  ? -7.799  11.607  -13.590 1.00 0.00 ? 1  DA A "H5''" 1 
ATOM 25  H "H4'"  . DA A 1 1  ? -9.920  9.641   -13.929 1.00 0.00 ? 1  DA A "H4'"  1 
ATOM 26  H "H3'"  . DA A 1 1  ? -9.480  10.029  -11.226 1.00 0.00 ? 1  DA A "H3'"  1 
ATOM 27  H "H2'"  . DA A 1 1  ? -7.278  9.191   -11.012 1.00 0.00 ? 1  DA A "H2'"  1 
ATOM 28  H "H2''" . DA A 1 1  ? -8.170  7.661   -10.992 1.00 0.00 ? 1  DA A "H2''" 1 
ATOM 29  H "H1'"  . DA A 1 1  ? -8.060  7.206   -13.229 1.00 0.00 ? 1  DA A "H1'"  1 
ATOM 30  H H8     . DA A 1 1  ? -5.115  9.635   -12.622 1.00 0.00 ? 1  DA A H8     1 
ATOM 31  H H61    . DA A 1 1  ? -1.639  5.010   -14.744 1.00 0.00 ? 1  DA A H61    1 
ATOM 32  H H62    . DA A 1 1  ? -1.633  6.639   -14.157 1.00 0.00 ? 1  DA A H62    1 
ATOM 33  H H2     . DA A 1 1  ? -5.895  3.633   -14.622 1.00 0.00 ? 1  DA A H2     1 
ATOM 34  P P      . DT A 1 2  ? -10.942 7.212   -11.113 1.00 0.00 ? 2  DT A P      1 
ATOM 35  O OP1    . DT A 1 2  ? -12.190 6.720   -11.780 1.00 0.00 ? 2  DT A OP1    1 
ATOM 36  O OP2    . DT A 1 2  ? -11.075 7.795   -9.747  1.00 0.00 ? 2  DT A OP2    1 
ATOM 37  O "O5'"  . DT A 1 2  ? -9.957  5.942   -10.978 1.00 0.00 ? 2  DT A "O5'"  1 
ATOM 38  C "C5'"  . DT A 1 2  ? -10.446 4.637   -11.275 1.00 0.00 ? 2  DT A "C5'"  1 
ATOM 39  C "C4'"  . DT A 1 2  ? -9.599  3.509   -10.726 1.00 0.00 ? 2  DT A "C4'"  1 
ATOM 40  O "O4'"  . DT A 1 2  ? -8.229  3.678   -11.232 1.00 0.00 ? 2  DT A "O4'"  1 
ATOM 41  C "C3'"  . DT A 1 2  ? -9.516  3.304   -9.257  1.00 0.00 ? 2  DT A "C3'"  1 
ATOM 42  O "O3'"  . DT A 1 2  ? -9.800  1.969   -8.857  1.00 0.00 ? 2  DT A "O3'"  1 
ATOM 43  C "C2'"  . DT A 1 2  ? -8.067  3.651   -8.925  1.00 0.00 ? 2  DT A "C2'"  1 
ATOM 44  C "C1'"  . DT A 1 2  ? -7.367  3.208   -10.219 1.00 0.00 ? 2  DT A "C1'"  1 
ATOM 45  N N1     . DT A 1 2  ? -6.009  3.770   -10.407 1.00 0.00 ? 2  DT A N1     1 
ATOM 46  C C2     . DT A 1 2  ? -5.010  2.946   -10.801 1.00 0.00 ? 2  DT A C2     1 
ATOM 47  O O2     . DT A 1 2  ? -5.232  1.746   -10.988 1.00 0.00 ? 2  DT A O2     1 
ATOM 48  N N3     . DT A 1 2  ? -3.765  3.473   -10.968 1.00 0.00 ? 2  DT A N3     1 
ATOM 49  C C4     . DT A 1 2  ? -3.489  4.799   -10.771 1.00 0.00 ? 2  DT A C4     1 
ATOM 50  O O4     . DT A 1 2  ? -2.339  5.185   -10.959 1.00 0.00 ? 2  DT A O4     1 
ATOM 51  C C5     . DT A 1 2  ? -4.526  5.638   -10.368 1.00 0.00 ? 2  DT A C5     1 
ATOM 52  C C7     . DT A 1 2  ? -4.279  7.096   -10.095 1.00 0.00 ? 2  DT A C7     1 
ATOM 53  C C6     . DT A 1 2  ? -5.797  5.096   -10.186 1.00 0.00 ? 2  DT A C6     1 
ATOM 54  H "H5'"  . DT A 1 2  ? -10.366 4.464   -12.353 1.00 0.00 ? 2  DT A "H5'"  1 
ATOM 55  H "H5''" . DT A 1 2  ? -11.481 4.520   -10.965 1.00 0.00 ? 2  DT A "H5''" 1 
ATOM 56  H "H4'"  . DT A 1 2  ? -9.952  2.572   -11.221 1.00 0.00 ? 2  DT A "H4'"  1 
ATOM 57  H "H3'"  . DT A 1 2  ? -10.294 3.945   -8.751  1.00 0.00 ? 2  DT A "H3'"  1 
ATOM 58  H "H2'"  . DT A 1 2  ? -8.060  4.690   -8.664  1.00 0.00 ? 2  DT A "H2'"  1 
ATOM 59  H "H2''" . DT A 1 2  ? -7.678  3.022   -8.146  1.00 0.00 ? 2  DT A "H2''" 1 
ATOM 60  H "H1'"  . DT A 1 2  ? -7.300  2.120   -10.186 1.00 0.00 ? 2  DT A "H1'"  1 
ATOM 61  H H3     . DT A 1 2  ? -3.018  2.863   -11.234 1.00 0.00 ? 2  DT A H3     1 
ATOM 62  H H71    . DT A 1 2  ? -4.213  7.400   -9.981  1.00 0.00 ? 2  DT A H71    1 
ATOM 63  H H72    . DT A 1 2  ? -4.213  7.400   -9.981  1.00 0.00 ? 2  DT A H72    1 
ATOM 64  H H73    . DT A 1 2  ? -4.213  7.400   -9.981  1.00 0.00 ? 2  DT A H73    1 
ATOM 65  H H6     . DT A 1 2  ? -6.614  5.733   -9.915  1.00 0.00 ? 2  DT A H6     1 
ATOM 66  P P      . DG A 1 3  ? -10.098 1.685   -7.294  1.00 0.00 ? 3  DG A P      1 
ATOM 67  O OP1    . DG A 1 3  ? -11.131 0.640   -7.214  1.00 0.00 ? 3  DG A OP1    1 
ATOM 68  O OP2    . DG A 1 3  ? -10.248 2.971   -6.601  1.00 0.00 ? 3  DG A OP2    1 
ATOM 69  O "O5'"  . DG A 1 3  ? -8.693  1.030   -6.832  1.00 0.00 ? 3  DG A "O5'"  1 
ATOM 70  C "C5'"  . DG A 1 3  ? -8.124  0.060   -7.768  1.00 0.00 ? 3  DG A "C5'"  1 
ATOM 71  C "C4'"  . DG A 1 3  ? -6.684  -0.248  -7.323  1.00 0.00 ? 3  DG A "C4'"  1 
ATOM 72  O "O4'"  . DG A 1 3  ? -5.876  0.944   -7.523  1.00 0.00 ? 3  DG A "O4'"  1 
ATOM 73  C "C3'"  . DG A 1 3  ? -6.550  -0.617  -5.857  1.00 0.00 ? 3  DG A "C3'"  1 
ATOM 74  O "O3'"  . DG A 1 3  ? -5.711  -1.664  -5.570  1.00 0.00 ? 3  DG A "O3'"  1 
ATOM 75  C "C2'"  . DG A 1 3  ? -6.034  0.682   -5.226  1.00 0.00 ? 3  DG A "C2'"  1 
ATOM 76  C "C1'"  . DG A 1 3  ? -5.049  1.085   -6.326  1.00 0.00 ? 3  DG A "C1'"  1 
ATOM 77  N N9     . DG A 1 3  ? -4.805  2.558   -6.275  1.00 0.00 ? 3  DG A N9     1 
ATOM 78  C C8     . DG A 1 3  ? -5.685  3.574   -5.975  1.00 0.00 ? 3  DG A C8     1 
ATOM 79  N N7     . DG A 1 3  ? -5.193  4.776   -6.154  1.00 0.00 ? 3  DG A N7     1 
ATOM 80  C C5     . DG A 1 3  ? -3.887  4.538   -6.583  1.00 0.00 ? 3  DG A C5     1 
ATOM 81  C C6     . DG A 1 3  ? -2.858  5.453   -6.926  1.00 0.00 ? 3  DG A C6     1 
ATOM 82  O O6     . DG A 1 3  ? -2.890  6.681   -6.929  1.00 0.00 ? 3  DG A O6     1 
ATOM 83  N N1     . DG A 1 3  ? -1.688  4.786   -7.313  1.00 0.00 ? 3  DG A N1     1 
ATOM 84  C C2     . DG A 1 3  ? -1.532  3.414   -7.358  1.00 0.00 ? 3  DG A C2     1 
ATOM 85  N N2     . DG A 1 3  ? -0.330  2.973   -7.734  1.00 0.00 ? 3  DG A N2     1 
ATOM 86  N N3     . DG A 1 3  ? -2.502  2.557   -7.047  1.00 0.00 ? 3  DG A N3     1 
ATOM 87  C C4     . DG A 1 3  ? -3.635  3.189   -6.642  1.00 0.00 ? 3  DG A C4     1 
ATOM 88  H "H5'"  . DG A 1 3  ? -8.155  0.439   -8.741  1.00 0.00 ? 3  DG A "H5'"  1 
ATOM 89  H "H5''" . DG A 1 3  ? -8.700  -0.870  -7.635  1.00 0.00 ? 3  DG A "H5''" 1 
ATOM 90  H "H4'"  . DG A 1 3  ? -6.273  -0.978  -8.016  1.00 0.00 ? 3  DG A "H4'"  1 
ATOM 91  H "H3'"  . DG A 1 3  ? -7.597  -0.845  -5.480  1.00 0.00 ? 3  DG A "H3'"  1 
ATOM 92  H "H2'"  . DG A 1 3  ? -6.909  1.284   -5.051  1.00 0.00 ? 3  DG A "H2'"  1 
ATOM 93  H "H2''" . DG A 1 3  ? -5.447  0.604   -4.331  1.00 0.00 ? 3  DG A "H2''" 1 
ATOM 94  H "H1'"  . DG A 1 3  ? -4.197  0.580   -6.328  1.00 0.00 ? 3  DG A "H1'"  1 
ATOM 95  H H8     . DG A 1 3  ? -6.686  3.397   -5.638  1.00 0.00 ? 3  DG A H8     1 
ATOM 96  H H1     . DG A 1 3  ? -0.921  5.346   -7.628  1.00 0.00 ? 3  DG A H1     1 
ATOM 97  H H21    . DG A 1 3  ? 0.395   3.626   -7.959  1.00 0.00 ? 3  DG A H21    1 
ATOM 98  H H22    . DG A 1 3  ? -0.176  1.991   -7.863  1.00 0.00 ? 3  DG A H22    1 
ATOM 99  P P      . DA A 1 4  ? -5.734  -3.095  -6.283  1.00 0.00 ? 4  DA A P      1 
ATOM 100 O OP1    . DA A 1 4  ? -6.907  -3.128  -7.195  1.00 0.00 ? 4  DA A OP1    1 
ATOM 101 O OP2    . DA A 1 4  ? -5.575  -4.135  -5.250  1.00 0.00 ? 4  DA A OP2    1 
ATOM 102 O "O5'"  . DA A 1 4  ? -4.415  -3.025  -7.162  1.00 0.00 ? 4  DA A "O5'"  1 
ATOM 103 C "C5'"  . DA A 1 4  ? -4.330  -3.806  -8.378  1.00 0.00 ? 4  DA A "C5'"  1 
ATOM 104 C "C4'"  . DA A 1 4  ? -3.279  -4.893  -8.192  1.00 0.00 ? 4  DA A "C4'"  1 
ATOM 105 O "O4'"  . DA A 1 4  ? -1.988  -4.268  -8.203  1.00 0.00 ? 4  DA A "O4'"  1 
ATOM 106 C "C3'"  . DA A 1 4  ? -3.346  -5.573  -6.832  1.00 0.00 ? 4  DA A "C3'"  1 
ATOM 107 O "O3'"  . DA A 1 4  ? -2.773  -6.842  -6.857  1.00 0.00 ? 4  DA A "O3'"  1 
ATOM 108 C "C2'"  . DA A 1 4  ? -2.469  -4.616  -5.977  1.00 0.00 ? 4  DA A "C2'"  1 
ATOM 109 C "C1'"  . DA A 1 4  ? -1.385  -4.231  -7.036  1.00 0.00 ? 4  DA A "C1'"  1 
ATOM 110 N N9     . DA A 1 4  ? -0.700  -2.951  -6.694  1.00 0.00 ? 4  DA A N9     1 
ATOM 111 C C8     . DA A 1 4  ? -1.263  -1.761  -6.327  1.00 0.00 ? 4  DA A C8     1 
ATOM 112 N N7     . DA A 1 4  ? -0.396  -0.837  -6.050  1.00 0.00 ? 4  DA A N7     1 
ATOM 113 C C5     . DA A 1 4  ? 0.831   -1.468  -6.214  1.00 0.00 ? 4  DA A C5     1 
ATOM 114 C C6     . DA A 1 4  ? 2.152   -1.029  -6.035  1.00 0.00 ? 4  DA A C6     1 
ATOM 115 N N6     . DA A 1 4  ? 2.473   0.215   -5.648  1.00 0.00 ? 4  DA A N6     1 
ATOM 116 N N1     . DA A 1 4  ? 3.131   -1.947  -6.155  1.00 0.00 ? 4  DA A N1     1 
ATOM 117 C C2     . DA A 1 4  ? 2.813   -3.145  -6.662  1.00 0.00 ? 4  DA A C2     1 
ATOM 118 N N3     . DA A 1 4  ? 1.621   -3.663  -6.872  1.00 0.00 ? 4  DA A N3     1 
ATOM 119 C C4     . DA A 1 4  ? 0.654   -2.762  -6.612  1.00 0.00 ? 4  DA A C4     1 
ATOM 120 H "H5'"  . DA A 1 4  ? -4.066  -3.123  -9.157  1.00 0.00 ? 4  DA A "H5'"  1 
ATOM 121 H "H5''" . DA A 1 4  ? -5.270  -4.274  -8.576  1.00 0.00 ? 4  DA A "H5''" 1 
ATOM 122 H "H4'"  . DA A 1 4  ? -3.278  -5.597  -9.005  1.00 0.00 ? 4  DA A "H4'"  1 
ATOM 123 H "H3'"  . DA A 1 4  ? -4.400  -5.601  -6.512  1.00 0.00 ? 4  DA A "H3'"  1 
ATOM 124 H "H2'"  . DA A 1 4  ? -3.103  -3.879  -5.562  1.00 0.00 ? 4  DA A "H2'"  1 
ATOM 125 H "H2''" . DA A 1 4  ? -2.069  -5.264  -5.230  1.00 0.00 ? 4  DA A "H2''" 1 
ATOM 126 H "H1'"  . DA A 1 4  ? -0.609  -5.040  -6.835  1.00 0.00 ? 4  DA A "H1'"  1 
ATOM 127 H H8     . DA A 1 4  ? -2.320  -1.588  -6.337  1.00 0.00 ? 4  DA A H8     1 
ATOM 128 H H61    . DA A 1 4  ? 3.433   0.474   -5.545  1.00 0.00 ? 4  DA A H61    1 
ATOM 129 H H62    . DA A 1 4  ? 1.752   0.885   -5.465  1.00 0.00 ? 4  DA A H62    1 
ATOM 130 H H2     . DA A 1 4  ? 3.637   -3.724  -7.083  1.00 0.00 ? 4  DA A H2     1 
ATOM 131 P P      . DG A 1 5  ? -2.837  -7.919  -5.693  1.00 0.00 ? 5  DG A P      1 
ATOM 132 O OP1    . DG A 1 5  ? -2.643  -9.264  -6.257  1.00 0.00 ? 5  DG A OP1    1 
ATOM 133 O OP2    . DG A 1 5  ? -3.957  -7.609  -4.795  1.00 0.00 ? 5  DG A OP2    1 
ATOM 134 O "O5'"  . DG A 1 5  ? -1.484  -7.572  -4.826  1.00 0.00 ? 5  DG A "O5'"  1 
ATOM 135 C "C5'"  . DG A 1 5  ? -0.233  -7.920  -5.432  1.00 0.00 ? 5  DG A "C5'"  1 
ATOM 136 C "C4'"  . DG A 1 5  ? 0.970   -7.250  -4.911  1.00 0.00 ? 5  DG A "C4'"  1 
ATOM 137 O "O4'"  . DG A 1 5  ? 0.826   -5.870  -4.548  1.00 0.00 ? 5  DG A "O4'"  1 
ATOM 138 C "C3'"  . DG A 1 5  ? 1.821   -7.867  -3.834  1.00 0.00 ? 5  DG A "C3'"  1 
ATOM 139 O "O3'"  . DG A 1 5  ? 3.168   -7.634  -4.084  1.00 0.00 ? 5  DG A "O3'"  1 
ATOM 140 C "C2'"  . DG A 1 5  ? 1.388   -6.962  -2.578  1.00 0.00 ? 5  DG A "C2'"  1 
ATOM 141 C "C1'"  . DG A 1 5  ? 1.399   -5.643  -3.257  1.00 0.00 ? 5  DG A "C1'"  1 
ATOM 142 N N9     . DG A 1 5  ? 0.450   -4.632  -2.695  1.00 0.00 ? 5  DG A N9     1 
ATOM 143 C C8     . DG A 1 5  ? -0.902  -4.760  -2.460  1.00 0.00 ? 5  DG A C8     1 
ATOM 144 N N7     . DG A 1 5  ? -1.498  -3.634  -2.145  1.00 0.00 ? 5  DG A N7     1 
ATOM 145 C C5     . DG A 1 5  ? -0.467  -2.695  -2.178  1.00 0.00 ? 5  DG A C5     1 
ATOM 146 C C6     . DG A 1 5  ? -0.492  -1.302  -1.908  1.00 0.00 ? 5  DG A C6     1 
ATOM 147 O O6     . DG A 1 5  ? -1.431  -0.610  -1.522  1.00 0.00 ? 5  DG A O6     1 
ATOM 148 N N1     . DG A 1 5  ? 0.769   -0.721  -2.097  1.00 0.00 ? 5  DG A N1     1 
ATOM 149 C C2     . DG A 1 5  ? 1.904   -1.397  -2.502  1.00 0.00 ? 5  DG A C2     1 
ATOM 150 N N2     . DG A 1 5  ? 3.005   -0.657  -2.649  1.00 0.00 ? 5  DG A N2     1 
ATOM 151 N N3     . DG A 1 5  ? 1.926   -2.703  -2.755  1.00 0.00 ? 5  DG A N3     1 
ATOM 152 C C4     . DG A 1 5  ? 0.719   -3.289  -2.538  1.00 0.00 ? 5  DG A C4     1 
ATOM 153 H "H5'"  . DG A 1 5  ? -0.352  -7.679  -6.511  1.00 0.00 ? 5  DG A "H5'"  1 
ATOM 154 H "H5''" . DG A 1 5  ? -0.111  -9.023  -5.409  1.00 0.00 ? 5  DG A "H5''" 1 
ATOM 155 H "H4'"  . DG A 1 5  ? 1.696   -7.121  -5.823  1.00 0.00 ? 5  DG A "H4'"  1 
ATOM 156 H "H3'"  . DG A 1 5  ? 1.569   -8.835  -3.484  1.00 0.00 ? 5  DG A "H3'"  1 
ATOM 157 H "H2'"  . DG A 1 5  ? 0.450   -7.319  -2.217  1.00 0.00 ? 5  DG A "H2'"  1 
ATOM 158 H "H2''" . DG A 1 5  ? 2.196   -7.250  -1.963  1.00 0.00 ? 5  DG A "H2''" 1 
ATOM 159 H "H1'"  . DG A 1 5  ? 2.350   -5.218  -3.134  1.00 0.00 ? 5  DG A "H1'"  1 
ATOM 160 H H8     . DG A 1 5  ? -1.423  -5.693  -2.533  1.00 0.00 ? 5  DG A H8     1 
ATOM 161 H H1     . DG A 1 5  ? 0.850   0.265   -1.945  1.00 0.00 ? 5  DG A H1     1 
ATOM 162 H H21    . DG A 1 5  ? 2.995   0.312   -2.386  1.00 0.00 ? 5  DG A H21    1 
ATOM 163 H H22    . DG A 1 5  ? 3.853   -1.080  -2.970  1.00 0.00 ? 5  DG A H22    1 
ATOM 164 P P      . DC A 1 6  ? 4.491   -8.067  -3.409  1.00 0.00 ? 6  DC A P      1 
ATOM 165 O OP1    . DC A 1 6  ? 5.616   -7.943  -4.388  1.00 0.00 ? 6  DC A OP1    1 
ATOM 166 O OP2    . DC A 1 6  ? 4.313   -9.370  -2.713  1.00 0.00 ? 6  DC A OP2    1 
ATOM 167 O "O5'"  . DC A 1 6  ? 4.750   -6.955  -2.272  1.00 0.00 ? 6  DC A "O5'"  1 
ATOM 168 C "C5'"  . DC A 1 6  ? 5.691   -5.898  -2.511  1.00 0.00 ? 6  DC A "C5'"  1 
ATOM 169 C "C4'"  . DC A 1 6  ? 5.991   -5.155  -1.222  1.00 0.00 ? 6  DC A "C4'"  1 
ATOM 170 O "O4'"  . DC A 1 6  ? 4.960   -4.164  -1.009  1.00 0.00 ? 6  DC A "O4'"  1 
ATOM 171 C "C3'"  . DC A 1 6  ? 6.071   -5.973  0.069   1.00 0.00 ? 6  DC A "C3'"  1 
ATOM 172 O "O3'"  . DC A 1 6  ? 7.334   -5.782  0.663   1.00 0.00 ? 6  DC A "O3'"  1 
ATOM 173 C "C2'"  . DC A 1 6  ? 4.962   -5.462  0.952   1.00 0.00 ? 6  DC A "C2'"  1 
ATOM 174 C "C1'"  . DC A 1 6  ? 4.693   -4.111  0.369   1.00 0.00 ? 6  DC A "C1'"  1 
ATOM 175 N N1     . DC A 1 6  ? 3.290   -3.628  0.508   1.00 0.00 ? 6  DC A N1     1 
ATOM 176 C C2     . DC A 1 6  ? 3.098   -2.257  0.709   1.00 0.00 ? 6  DC A C2     1 
ATOM 177 O O2     . DC A 1 6  ? 4.089   -1.520  0.791   1.00 0.00 ? 6  DC A O2     1 
ATOM 178 N N3     . DC A 1 6  ? 1.828   -1.792  0.832   1.00 0.00 ? 6  DC A N3     1 
ATOM 179 C C4     . DC A 1 6  ? 0.783   -2.611  0.668   1.00 0.00 ? 6  DC A C4     1 
ATOM 180 N N4     . DC A 1 6  ? -0.436  -2.101  0.754   1.00 0.00 ? 6  DC A N4     1 
ATOM 181 C C5     . DC A 1 6  ? 0.960   -4.004  0.373   1.00 0.00 ? 6  DC A C5     1 
ATOM 182 C C6     . DC A 1 6  ? 2.237   -4.462  0.323   1.00 0.00 ? 6  DC A C6     1 
ATOM 183 H "H5'"  . DC A 1 6  ? 5.268   -5.191  -3.237  1.00 0.00 ? 6  DC A "H5'"  1 
ATOM 184 H "H5''" . DC A 1 6  ? 6.618   -6.305  -2.918  1.00 0.00 ? 6  DC A "H5''" 1 
ATOM 185 H "H4'"  . DC A 1 6  ? 6.929   -4.589  -1.343  1.00 0.00 ? 6  DC A "H4'"  1 
ATOM 186 H "H3'"  . DC A 1 6  ? 5.949   -7.047  -0.239  1.00 0.00 ? 6  DC A "H3'"  1 
ATOM 187 H "H2'"  . DC A 1 6  ? 4.197   -6.231  1.041   1.00 0.00 ? 6  DC A "H2'"  1 
ATOM 188 H "H2''" . DC A 1 6  ? 5.267   -5.314  2.013   1.00 0.00 ? 6  DC A "H2''" 1 
ATOM 189 H "H1'"  . DC A 1 6  ? 5.331   -3.375  0.896   1.00 0.00 ? 6  DC A "H1'"  1 
ATOM 190 H H41    . DC A 1 6  ? -0.557  -1.137  0.993   1.00 0.00 ? 6  DC A H41    1 
ATOM 191 H H42    . DC A 1 6  ? -1.234  -2.685  0.609   1.00 0.00 ? 6  DC A H42    1 
ATOM 192 H H5     . DC A 1 6  ? 0.125   -4.644  0.168   1.00 0.00 ? 6  DC A H5     1 
ATOM 193 H H6     . DC A 1 6  ? 2.415   -5.499  0.131   1.00 0.00 ? 6  DC A H6     1 
ATOM 194 P P      . DG A 1 7  ? 7.846   -6.475  1.985   1.00 0.00 ? 7  DG A P      1 
ATOM 195 O OP1    . DG A 1 7  ? 9.329   -6.415  2.013   1.00 0.00 ? 7  DG A OP1    1 
ATOM 196 O OP2    . DG A 1 7  ? 7.162   -7.775  2.151   1.00 0.00 ? 7  DG A OP2    1 
ATOM 197 O "O5'"  . DG A 1 7  ? 7.312   -5.497  3.162   1.00 0.00 ? 7  DG A "O5'"  1 
ATOM 198 C "C5'"  . DG A 1 7  ? 7.697   -4.096  3.057   1.00 0.00 ? 7  DG A "C5'"  1 
ATOM 199 C "C4'"  . DG A 1 7  ? 7.064   -3.297  4.190   1.00 0.00 ? 7  DG A "C4'"  1 
ATOM 200 O "O4'"  . DG A 1 7  ? 5.625   -3.322  3.965   1.00 0.00 ? 7  DG A "O4'"  1 
ATOM 201 C "C3'"  . DG A 1 7  ? 7.308   -3.832  5.592   1.00 0.00 ? 7  DG A "C3'"  1 
ATOM 202 O "O3'"  . DG A 1 7  ? 7.419   -2.902  6.585   1.00 0.00 ? 7  DG A "O3'"  1 
ATOM 203 C "C2'"  . DG A 1 7  ? 6.047   -4.683  5.831   1.00 0.00 ? 7  DG A "C2'"  1 
ATOM 204 C "C1'"  . DG A 1 7  ? 5.021   -3.747  5.115   1.00 0.00 ? 7  DG A "C1'"  1 
ATOM 205 N N9     . DG A 1 7  ? 3.814   -4.534  4.741   1.00 0.00 ? 7  DG A N9     1 
ATOM 206 C C8     . DG A 1 7  ? 3.705   -5.879  4.458   1.00 0.00 ? 7  DG A C8     1 
ATOM 207 N N7     . DG A 1 7  ? 2.479   -6.273  4.211   1.00 0.00 ? 7  DG A N7     1 
ATOM 208 C C5     . DG A 1 7  ? 1.730   -5.099  4.297   1.00 0.00 ? 7  DG A C5     1 
ATOM 209 C C6     . DG A 1 7  ? 0.337   -4.889  4.123   1.00 0.00 ? 7  DG A C6     1 
ATOM 210 O O6     . DG A 1 7  ? -0.535  -5.709  3.847   1.00 0.00 ? 7  DG A O6     1 
ATOM 211 N N1     . DG A 1 7  ? -0.005  -3.543  4.310   1.00 0.00 ? 7  DG A N1     1 
ATOM 212 C C2     . DG A 1 7  ? 0.887   -2.528  4.600   1.00 0.00 ? 7  DG A C2     1 
ATOM 213 N N2     . DG A 1 7  ? 0.365   -1.305  4.708   1.00 0.00 ? 7  DG A N2     1 
ATOM 214 N N3     . DG A 1 7  ? 2.186   -2.733  4.803   1.00 0.00 ? 7  DG A N3     1 
ATOM 215 C C4     . DG A 1 7  ? 2.536   -4.033  4.618   1.00 0.00 ? 7  DG A C4     1 
ATOM 216 H "H5'"  . DG A 1 7  ? 7.335   -3.741  2.122   1.00 0.00 ? 7  DG A "H5'"  1 
ATOM 217 H "H5''" . DG A 1 7  ? 8.775   -4.036  3.181   1.00 0.00 ? 7  DG A "H5''" 1 
ATOM 218 H "H4'"  . DG A 1 7  ? 7.309   -2.247  4.121   1.00 0.00 ? 7  DG A "H4'"  1 
ATOM 219 H "H3'"  . DG A 1 7  ? 8.226   -4.483  5.508   1.00 0.00 ? 7  DG A "H3'"  1 
ATOM 220 H "H2'"  . DG A 1 7  ? 6.276   -5.646  5.435   1.00 0.00 ? 7  DG A "H2'"  1 
ATOM 221 H "H2''" . DG A 1 7  ? 5.768   -4.756  6.881   1.00 0.00 ? 7  DG A "H2''" 1 
ATOM 222 H "H1'"  . DG A 1 7  ? 4.730   -3.032  5.846   1.00 0.00 ? 7  DG A "H1'"  1 
ATOM 223 H H8     . DG A 1 7  ? 4.551   -6.534  4.400   1.00 0.00 ? 7  DG A H8     1 
ATOM 224 H H1     . DG A 1 7  ? -0.972  -3.298  4.230   1.00 0.00 ? 7  DG A H1     1 
ATOM 225 H H21    . DG A 1 7  ? -0.615  -1.162  4.564   1.00 0.00 ? 7  DG A H21    1 
ATOM 226 H H22    . DG A 1 7  ? 0.929   -0.558  5.097   1.00 0.00 ? 7  DG A H22    1 
ATOM 227 P P      . DA A 1 8  ? 8.311   -1.605  6.668   1.00 0.00 ? 8  DA A P      1 
ATOM 228 O OP1    . DA A 1 8  ? 9.291   -1.630  5.548   1.00 0.00 ? 8  DA A OP1    1 
ATOM 229 O OP2    . DA A 1 8  ? 8.833   -1.486  8.060   1.00 0.00 ? 8  DA A OP2    1 
ATOM 230 O "O5'"  . DA A 1 8  ? 7.281   -0.428  6.419   1.00 0.00 ? 8  DA A "O5'"  1 
ATOM 231 C "C5'"  . DA A 1 8  ? 7.775   0.799   5.814   1.00 0.00 ? 8  DA A "C5'"  1 
ATOM 232 C "C4'"  . DA A 1 8  ? 7.666   1.929   6.839   1.00 0.00 ? 8  DA A "C4'"  1 
ATOM 233 O "O4'"  . DA A 1 8  ? 6.216   2.124   6.914   1.00 0.00 ? 8  DA A "O4'"  1 
ATOM 234 C "C3'"  . DA A 1 8  ? 8.094   1.580   8.252   1.00 0.00 ? 8  DA A "C3'"  1 
ATOM 235 O "O3'"  . DA A 1 8  ? 8.372   2.697   9.023   1.00 0.00 ? 8  DA A "O3'"  1 
ATOM 236 C "C2'"  . DA A 1 8  ? 6.796   0.929   8.810   1.00 0.00 ? 8  DA A "C2'"  1 
ATOM 237 C "C1'"  . DA A 1 8  ? 5.772   1.877   8.117   1.00 0.00 ? 8  DA A "C1'"  1 
ATOM 238 N N9     . DA A 1 8  ? 4.426   1.239   8.199   1.00 0.00 ? 8  DA A N9     1 
ATOM 239 C C8     . DA A 1 8  ? 4.062   -0.019  7.808   1.00 0.00 ? 8  DA A C8     1 
ATOM 240 N N7     . DA A 1 8  ? 2.823   -0.307  8.065   1.00 0.00 ? 8  DA A N7     1 
ATOM 241 C C5     . DA A 1 8  ? 2.339   0.829   8.700   1.00 0.00 ? 8  DA A C5     1 
ATOM 242 C C6     . DA A 1 8  ? 1.091   1.141   9.261   1.00 0.00 ? 8  DA A C6     1 
ATOM 243 N N6     . DA A 1 8  ? 0.036   0.312   9.227   1.00 0.00 ? 8  DA A N6     1 
ATOM 244 N N1     . DA A 1 8  ? 0.977   2.314   9.909   1.00 0.00 ? 8  DA A N1     1 
ATOM 245 C C2     . DA A 1 8  ? 2.006   3.162   9.881   1.00 0.00 ? 8  DA A C2     1 
ATOM 246 N N3     . DA A 1 8  ? 3.191   3.013   9.318   1.00 0.00 ? 8  DA A N3     1 
ATOM 247 C C4     . DA A 1 8  ? 3.315   1.780   8.787   1.00 0.00 ? 8  DA A C4     1 
ATOM 248 H "H5'"  . DA A 1 8  ? 7.065   1.014   5.009   1.00 0.00 ? 8  DA A "H5'"  1 
ATOM 249 H "H5''" . DA A 1 8  ? 8.743   0.683   5.482   1.00 0.00 ? 8  DA A "H5''" 1 
ATOM 250 H "H4'"  . DA A 1 8  ? 7.998   2.873   6.472   1.00 0.00 ? 8  DA A "H4'"  1 
ATOM 251 H "H3'"  . DA A 1 8  ? 8.915   0.849   8.180   1.00 0.00 ? 8  DA A "H3'"  1 
ATOM 252 H "H2'"  . DA A 1 8  ? 6.813   -0.099  8.572   1.00 0.00 ? 8  DA A "H2'"  1 
ATOM 253 H "H2''" . DA A 1 8  ? 6.778   1.095   9.862   1.00 0.00 ? 8  DA A "H2''" 1 
ATOM 254 H "H1'"  . DA A 1 8  ? 5.738   2.783   8.769   1.00 0.00 ? 8  DA A "H1'"  1 
ATOM 255 H H8     . DA A 1 8  ? 4.711   -0.669  7.257   1.00 0.00 ? 8  DA A H8     1 
ATOM 256 H H61    . DA A 1 8  ? -0.836  0.593   9.628   1.00 0.00 ? 8  DA A H61    1 
ATOM 257 H H62    . DA A 1 8  ? 0.119   -0.587  8.795   1.00 0.00 ? 8  DA A H62    1 
ATOM 258 H H2     . DA A 1 8  ? 1.763   4.206   10.113  1.00 0.00 ? 8  DA A H2     1 
ATOM 259 P P      . DA A 1 9  ? 8.892   2.834   10.486  1.00 0.00 ? 9  DA A P      1 
ATOM 260 O OP1    . DA A 1 9  ? 9.621   4.120   10.638  1.00 0.00 ? 9  DA A OP1    1 
ATOM 261 O OP2    . DA A 1 9  ? 9.567   1.575   10.906  1.00 0.00 ? 9  DA A OP2    1 
ATOM 262 O "O5'"  . DA A 1 9  ? 7.578   2.933   11.438  1.00 0.00 ? 9  DA A "O5'"  1 
ATOM 263 C "C5'"  . DA A 1 9  ? 6.984   4.222   11.616  1.00 0.00 ? 9  DA A "C5'"  1 
ATOM 264 C "C4'"  . DA A 1 9  ? 5.618   4.242   12.197  1.00 0.00 ? 9  DA A "C4'"  1 
ATOM 265 O "O4'"  . DA A 1 9  ? 4.815   3.109   11.994  1.00 0.00 ? 9  DA A "O4'"  1 
ATOM 266 C "C3'"  . DA A 1 9  ? 5.495   4.552   13.711  1.00 0.00 ? 9  DA A "C3'"  1 
ATOM 267 O "O3'"  . DA A 1 9  ? 4.395   5.343   13.939  1.00 0.00 ? 9  DA A "O3'"  1 
ATOM 268 C "C2'"  . DA A 1 9  ? 5.289   3.118   14.266  1.00 0.00 ? 9  DA A "C2'"  1 
ATOM 269 C "C1'"  . DA A 1 9  ? 4.275   2.601   13.268  1.00 0.00 ? 9  DA A "C1'"  1 
ATOM 270 N N9     . DA A 1 9  ? 4.376   1.127   13.015  1.00 0.00 ? 9  DA A N9     1 
ATOM 271 C C8     . DA A 1 9  ? 5.485   0.420   12.636  1.00 0.00 ? 9  DA A C8     1 
ATOM 272 N N7     . DA A 1 9  ? 5.233   -0.810  12.308  1.00 0.00 ? 9  DA A N7     1 
ATOM 273 C C5     . DA A 1 9  ? 3.854   -0.910  12.420  1.00 0.00 ? 9  DA A C5     1 
ATOM 274 C C6     . DA A 1 9  ? 2.961   -1.973  12.206  1.00 0.00 ? 9  DA A C6     1 
ATOM 275 N N6     . DA A 1 9  ? 3.347   -3.199  11.821  1.00 0.00 ? 9  DA A N6     1 
ATOM 276 N N1     . DA A 1 9  ? 1.651   -1.727  12.385  1.00 0.00 ? 9  DA A N1     1 
ATOM 277 C C2     . DA A 1 9  ? 1.272   -0.510  12.768  1.00 0.00 ? 9  DA A C2     1 
ATOM 278 N N3     . DA A 1 9  ? 2.015   0.543   13.043  1.00 0.00 ? 9  DA A N3     1 
ATOM 279 C C4     . DA A 1 9  ? 3.318   0.278   12.828  1.00 0.00 ? 9  DA A C4     1 
ATOM 280 H "H5'"  . DA A 1 9  ? 6.918   4.636   10.607  1.00 0.00 ? 9  DA A "H5'"  1 
ATOM 281 H "H5''" . DA A 1 9  ? 7.685   4.937   12.098  1.00 0.00 ? 9  DA A "H5''" 1 
ATOM 282 H "H4'"  . DA A 1 9  ? 5.045   5.105   11.691  1.00 0.00 ? 9  DA A "H4'"  1 
ATOM 283 H "H3'"  . DA A 1 9  ? 6.465   4.948   14.007  1.00 0.00 ? 9  DA A "H3'"  1 
ATOM 284 H "H2'"  . DA A 1 9  ? 6.257   2.634   14.175  1.00 0.00 ? 9  DA A "H2'"  1 
ATOM 285 H "H2''" . DA A 1 9  ? 4.877   3.194   15.254  1.00 0.00 ? 9  DA A "H2''" 1 
ATOM 286 H "H1'"  . DA A 1 9  ? 3.313   2.906   13.500  1.00 0.00 ? 9  DA A "H1'"  1 
ATOM 287 H H8     . DA A 1 9  ? 6.468   0.845   12.600  1.00 0.00 ? 9  DA A H8     1 
ATOM 288 H H61    . DA A 1 9  ? 2.664   -3.910  11.655  1.00 0.00 ? 9  DA A H61    1 
ATOM 289 H H62    . DA A 1 9  ? 4.318   -3.396  11.679  1.00 0.00 ? 9  DA A H62    1 
ATOM 290 H H2     . DA A 1 9  ? 0.211   -0.354  12.821  1.00 0.00 ? 9  DA A H2     1 
ATOM 291 P P      . DT A 1 10 ? 3.725   5.802   15.270  1.00 0.00 ? 10 DT A P      1 
ATOM 292 O OP1    . DT A 1 10 ? 2.938   7.047   15.019  1.00 0.00 ? 10 DT A OP1    1 
ATOM 293 O OP2    . DT A 1 10 ? 4.732   5.812   16.359  1.00 0.00 ? 10 DT A OP2    1 
ATOM 294 O "O5'"  . DT A 1 10 ? 2.645   4.644   15.609  1.00 0.00 ? 10 DT A "O5'"  1 
ATOM 295 C "C5'"  . DT A 1 10 ? 2.545   4.253   17.003  1.00 0.00 ? 10 DT A "C5'"  1 
ATOM 296 C "C4'"  . DT A 1 10 ? 1.458   3.256   17.242  1.00 0.00 ? 10 DT A "C4'"  1 
ATOM 297 O "O4'"  . DT A 1 10 ? 1.404   2.194   16.286  1.00 0.00 ? 10 DT A "O4'"  1 
ATOM 298 C "C3'"  . DT A 1 10 ? 1.383   2.596   18.611  1.00 0.00 ? 10 DT A "C3'"  1 
ATOM 299 O "O3'"  . DT A 1 10 ? 0.092   2.879   19.206  1.00 0.00 ? 10 DT A "O3'"  1 
ATOM 300 C "C2'"  . DT A 1 10 ? 1.494   1.137   18.368  1.00 0.00 ? 10 DT A "C2'"  1 
ATOM 301 C "C1'"  . DT A 1 10 ? 0.886   0.995   16.940  1.00 0.00 ? 10 DT A "C1'"  1 
ATOM 302 N N1     . DT A 1 10 ? 1.673   -0.086  16.266  1.00 0.00 ? 10 DT A N1     1 
ATOM 303 C C2     . DT A 1 10 ? 1.055   -1.279  16.059  1.00 0.00 ? 10 DT A C2     1 
ATOM 304 O O2     . DT A 1 10 ? -0.166  -1.380  16.211  1.00 0.00 ? 10 DT A O2     1 
ATOM 305 N N3     . DT A 1 10 ? 1.808   -2.324  15.620  1.00 0.00 ? 10 DT A N3     1 
ATOM 306 C C4     . DT A 1 10 ? 3.167   -2.249  15.475  1.00 0.00 ? 10 DT A C4     1 
ATOM 307 O O4     . DT A 1 10 ? 3.762   -3.250  15.084  1.00 0.00 ? 10 DT A O4     1 
ATOM 308 C C5     . DT A 1 10 ? 3.797   -1.041  15.766  1.00 0.00 ? 10 DT A C5     1 
ATOM 309 C C7     . DT A 1 10 ? 5.294   -0.911  15.669  1.00 0.00 ? 10 DT A C7     1 
ATOM 310 C C6     . DT A 1 10 ? 3.025   0.036   16.191  1.00 0.00 ? 10 DT A C6     1 
ATOM 311 H "H5'"  . DT A 1 10 ? 2.278   5.181   17.570  1.00 0.00 ? 10 DT A "H5'"  1 
ATOM 312 H "H5''" . DT A 1 10 ? 3.537   3.998   17.337  1.00 0.00 ? 10 DT A "H5''" 1 
ATOM 313 H "H4'"  . DT A 1 10 ? 0.489   3.824   17.082  1.00 0.00 ? 10 DT A "H4'"  1 
ATOM 314 H "H3'"  . DT A 1 10 ? 2.119   3.081   19.286  1.00 0.00 ? 10 DT A "H3'"  1 
ATOM 315 H "H2'"  . DT A 1 10 ? 2.496   0.712   18.492  1.00 0.00 ? 10 DT A "H2'"  1 
ATOM 316 H "H2''" . DT A 1 10 ? 0.839   0.526   18.982  1.00 0.00 ? 10 DT A "H2''" 1 
ATOM 317 H "H1'"  . DT A 1 10 ? -0.114  0.903   16.964  1.00 0.00 ? 10 DT A "H1'"  1 
ATOM 318 H H3     . DT A 1 10 ? 1.345   -3.173  15.366  1.00 0.00 ? 10 DT A H3     1 
ATOM 319 H H71    . DT A 1 10 ? 5.621   -0.889  15.667  1.00 0.00 ? 10 DT A H71    1 
ATOM 320 H H72    . DT A 1 10 ? 5.621   -0.889  15.667  1.00 0.00 ? 10 DT A H72    1 
ATOM 321 H H73    . DT A 1 10 ? 5.621   -0.889  15.667  1.00 0.00 ? 10 DT A H73    1 
ATOM 322 H H6     . DT A 1 10 ? 3.503   0.943   16.507  1.00 0.00 ? 10 DT A H6     1 
ATOM 323 O OP3    . DA B 1 1  ? -6.431  -13.626 15.662  1.00 0.00 ? 11 DA B OP3    1 
ATOM 324 P P      . DA B 1 1  ? -5.057  -14.013 16.078  1.00 0.00 ? 11 DA B P      1 
ATOM 325 O OP1    . DA B 1 1  ? -4.966  -14.829 17.307  1.00 0.00 ? 11 DA B OP1    1 
ATOM 326 O OP2    . DA B 1 1  ? -4.344  -14.786 14.867  1.00 0.00 ? 11 DA B OP2    1 
ATOM 327 O "O5'"  . DA B 1 1  ? -4.150  -12.712 16.209  1.00 0.00 ? 11 DA B "O5'"  1 
ATOM 328 C "C5'"  . DA B 1 1  ? -3.680  -12.034 15.015  1.00 0.00 ? 11 DA B "C5'"  1 
ATOM 329 C "C4'"  . DA B 1 1  ? -4.019  -10.562 15.067  1.00 0.00 ? 11 DA B "C4'"  1 
ATOM 330 O "O4'"  . DA B 1 1  ? -2.851  -9.761  15.286  1.00 0.00 ? 11 DA B "O4'"  1 
ATOM 331 C "C3'"  . DA B 1 1  ? -4.702  -9.952  13.818  1.00 0.00 ? 11 DA B "C3'"  1 
ATOM 332 O "O3'"  . DA B 1 1  ? -5.677  -9.061  14.231  1.00 0.00 ? 11 DA B "O3'"  1 
ATOM 333 C "C2'"  . DA B 1 1  ? -3.551  -9.156  13.148  1.00 0.00 ? 11 DA B "C2'"  1 
ATOM 334 C "C1'"  . DA B 1 1  ? -2.867  -8.652  14.362  1.00 0.00 ? 11 DA B "C1'"  1 
ATOM 335 N N9     . DA B 1 1  ? -1.453  -8.212  14.185  1.00 0.00 ? 11 DA B N9     1 
ATOM 336 C C8     . DA B 1 1  ? -0.391  -8.937  13.724  1.00 0.00 ? 11 DA B C8     1 
ATOM 337 N N7     . DA B 1 1  ? 0.738   -8.298  13.773  1.00 0.00 ? 11 DA B N7     1 
ATOM 338 C C5     . DA B 1 1  ? 0.392   -7.042  14.250  1.00 0.00 ? 11 DA B C5     1 
ATOM 339 C C6     . DA B 1 1  ? 1.149   -5.891  14.518  1.00 0.00 ? 11 DA B C6     1 
ATOM 340 N N6     . DA B 1 1  ? 2.471   -5.810  14.318  1.00 0.00 ? 11 DA B N6     1 
ATOM 341 N N1     . DA B 1 1  ? 0.497   -4.823  15.015  1.00 0.00 ? 11 DA B N1     1 
ATOM 342 C C2     . DA B 1 1  ? -0.819  -4.903  15.204  1.00 0.00 ? 11 DA B C2     1 
ATOM 343 N N3     . DA B 1 1  ? -1.629  -5.916  14.976  1.00 0.00 ? 11 DA B N3     1 
ATOM 344 C C4     . DA B 1 1  ? -0.953  -6.968  14.474  1.00 0.00 ? 11 DA B C4     1 
ATOM 345 H "H5'"  . DA B 1 1  ? -4.109  -12.517 14.140  1.00 0.00 ? 11 DA B "H5'"  1 
ATOM 346 H "H5''" . DA B 1 1  ? -2.590  -12.168 14.980  1.00 0.00 ? 11 DA B "H5''" 1 
ATOM 347 H "H4'"  . DA B 1 1  ? -4.722  -10.426 15.925  1.00 0.00 ? 11 DA B "H4'"  1 
ATOM 348 H "H3'"  . DA B 1 1  ? -5.000  -10.785 13.196  1.00 0.00 ? 11 DA B "H3'"  1 
ATOM 349 H "H2'"  . DA B 1 1  ? -3.035  -9.730  12.412  1.00 0.00 ? 11 DA B "H2'"  1 
ATOM 350 H "H2''" . DA B 1 1  ? -4.046  -8.299  12.665  1.00 0.00 ? 11 DA B "H2''" 1 
ATOM 351 H "H1'"  . DA B 1 1  ? -3.377  -7.817  14.797  1.00 0.00 ? 11 DA B "H1'"  1 
ATOM 352 H H8     . DA B 1 1  ? -0.482  -9.940  13.364  1.00 0.00 ? 11 DA B H8     1 
ATOM 353 H H61    . DA B 1 1  ? 2.963   -4.968  14.545  1.00 0.00 ? 11 DA B H61    1 
ATOM 354 H H62    . DA B 1 1  ? 2.970   -6.594  13.948  1.00 0.00 ? 11 DA B H62    1 
ATOM 355 H H2     . DA B 1 1  ? -1.280  -4.029  15.614  1.00 0.00 ? 11 DA B H2     1 
ATOM 356 P P      . DT B 1 2  ? -6.711  -8.134  13.542  1.00 0.00 ? 12 DT B P      1 
ATOM 357 O OP1    . DT B 1 2  ? -7.774  -7.768  14.531  1.00 0.00 ? 12 DT B OP1    1 
ATOM 358 O OP2    . DT B 1 2  ? -7.152  -8.739  12.252  1.00 0.00 ? 12 DT B OP2    1 
ATOM 359 O "O5'"  . DT B 1 2  ? -5.932  -6.772  13.170  1.00 0.00 ? 12 DT B "O5'"  1 
ATOM 360 C "C5'"  . DT B 1 2  ? -6.451  -5.521  13.615  1.00 0.00 ? 12 DT B "C5'"  1 
ATOM 361 C "C4'"  . DT B 1 2  ? -5.901  -4.318  12.878  1.00 0.00 ? 12 DT B "C4'"  1 
ATOM 362 O "O4'"  . DT B 1 2  ? -4.436  -4.342  12.990  1.00 0.00 ? 12 DT B "O4'"  1 
ATOM 363 C "C3'"  . DT B 1 2  ? -6.243  -4.117  11.446  1.00 0.00 ? 12 DT B "C3'"  1 
ATOM 364 O "O3'"  . DT B 1 2  ? -6.756  -2.821  11.165  1.00 0.00 ? 12 DT B "O3'"  1 
ATOM 365 C "C2'"  . DT B 1 2  ? -4.913  -4.320  10.727  1.00 0.00 ? 12 DT B "C2'"  1 
ATOM 366 C "C1'"  . DT B 1 2  ? -3.933  -3.795  11.790  1.00 0.00 ? 12 DT B "C1'"  1 
ATOM 367 N N1     . DT B 1 2  ? -2.527  -4.216  11.590  1.00 0.00 ? 12 DT B N1     1 
ATOM 368 C C2     . DT B 1 2  ? -1.545  -3.291  11.711  1.00 0.00 ? 12 DT B C2     1 
ATOM 369 O O2     . DT B 1 2  ? -1.827  -2.118  11.973  1.00 0.00 ? 12 DT B O2     1 
ATOM 370 N N3     . DT B 1 2  ? -0.256  -3.688  11.523  1.00 0.00 ? 12 DT B N3     1 
ATOM 371 C C4     . DT B 1 2  ? 0.087   -4.982  11.235  1.00 0.00 ? 12 DT B C4     1 
ATOM 372 O O4     . DT B 1 2  ? 1.277   -5.246  11.095  1.00 0.00 ? 12 DT B O4     1 
ATOM 373 C C5     . DT B 1 2  ? -0.932  -5.923  11.114  1.00 0.00 ? 12 DT B C5     1 
ATOM 374 C C7     . DT B 1 2  ? -0.623  -7.352  10.756  1.00 0.00 ? 12 DT B C7     1 
ATOM 375 C C6     . DT B 1 2  ? -2.252  -5.516  11.296  1.00 0.00 ? 12 DT B C6     1 
ATOM 376 H "H5'"  . DT B 1 2  ? -6.098  -5.332  14.633  1.00 0.00 ? 12 DT B "H5'"  1 
ATOM 377 H "H5''" . DT B 1 2  ? -7.537  -5.513  13.599  1.00 0.00 ? 12 DT B "H5''" 1 
ATOM 378 H "H4'"  . DT B 1 2  ? -6.198  -3.417  13.469  1.00 0.00 ? 12 DT B "H4'"  1 
ATOM 379 H "H3'"  . DT B 1 2  ? -7.062  -4.837  11.158  1.00 0.00 ? 12 DT B "H3'"  1 
ATOM 380 H "H2'"  . DT B 1 2  ? -4.873  -5.355  10.453  1.00 0.00 ? 12 DT B "H2'"  1 
ATOM 381 H "H2''" . DT B 1 2  ? -4.815  -3.661  9.883   1.00 0.00 ? 12 DT B "H2''" 1 
ATOM 382 H "H1'"  . DT B 1 2  ? -3.987  -2.708  11.760  1.00 0.00 ? 12 DT B "H1'"  1 
ATOM 383 H H3     . DT B 1 2  ? 0.470   -3.002  11.586  1.00 0.00 ? 12 DT B H3     1 
ATOM 384 H H71    . DT B 1 2  ? -0.561  -7.648  10.621  1.00 0.00 ? 12 DT B H71    1 
ATOM 385 H H72    . DT B 1 2  ? -0.561  -7.648  10.621  1.00 0.00 ? 12 DT B H72    1 
ATOM 386 H H73    . DT B 1 2  ? -0.561  -7.648  10.621  1.00 0.00 ? 12 DT B H73    1 
ATOM 387 H H6     . DT B 1 2  ? -3.043  -6.234  11.245  1.00 0.00 ? 12 DT B H6     1 
ATOM 388 P P      . DG B 1 3  ? -7.496  -2.583  9.748   1.00 0.00 ? 13 DG B P      1 
ATOM 389 O OP1    . DG B 1 3  ? -8.610  -1.647  9.972   1.00 0.00 ? 13 DG B OP1    1 
ATOM 390 O OP2    . DG B 1 3  ? -7.701  -3.883  9.099   1.00 0.00 ? 13 DG B OP2    1 
ATOM 391 O "O5'"  . DG B 1 3  ? -6.343  -1.794  8.933   1.00 0.00 ? 13 DG B "O5'"  1 
ATOM 392 C "C5'"  . DG B 1 3  ? -5.639  -0.763  9.695   1.00 0.00 ? 13 DG B "C5'"  1 
ATOM 393 C "C4'"  . DG B 1 3  ? -4.414  -0.316  8.880   1.00 0.00 ? 13 DG B "C4'"  1 
ATOM 394 O "O4'"  . DG B 1 3  ? -3.467  -1.417  8.831   1.00 0.00 ? 13 DG B "O4'"  1 
ATOM 395 C "C3'"  . DG B 1 3  ? -4.724  0.050   7.439   1.00 0.00 ? 13 DG B "C3'"  1 
ATOM 396 O "O3'"  . DG B 1 3  ? -4.104  1.173   6.951   1.00 0.00 ? 13 DG B "O3'"  1 
ATOM 397 C "C2'"  . DG B 1 3  ? -4.272  -1.196  6.669   1.00 0.00 ? 13 DG B "C2'"  1 
ATOM 398 C "C1'"  . DG B 1 3  ? -2.989  -1.487  7.451   1.00 0.00 ? 13 DG B "C1'"  1 
ATOM 399 N N9     . DG B 1 3  ? -2.622  -2.928  7.310   1.00 0.00 ? 13 DG B N9     1 
ATOM 400 C C8     . DG B 1 3  ? -3.444  -4.031  7.242   1.00 0.00 ? 13 DG B C8     1 
ATOM 401 N N7     . DG B 1 3  ? -2.804  -5.174  7.259   1.00 0.00 ? 13 DG B N7     1 
ATOM 402 C C5     . DG B 1 3  ? -1.461  -4.802  7.322   1.00 0.00 ? 13 DG B C5     1 
ATOM 403 C C6     . DG B 1 3  ? -0.292  -5.604  7.355   1.00 0.00 ? 13 DG B C6     1 
ATOM 404 O O6     . DG B 1 3  ? -0.197  -6.828  7.347   1.00 0.00 ? 13 DG B O6     1 
ATOM 405 N N1     . DG B 1 3  ? 0.867   -4.818  7.422   1.00 0.00 ? 13 DG B N1     1 
ATOM 406 C C2     . DG B 1 3  ? 0.891   -3.437  7.446   1.00 0.00 ? 13 DG B C2     1 
ATOM 407 N N2     . DG B 1 3  ? 2.100   -2.873  7.486   1.00 0.00 ? 13 DG B N2     1 
ATOM 408 N N3     . DG B 1 3  ? -0.207  -2.686  7.425   1.00 0.00 ? 13 DG B N3     1 
ATOM 409 C C4     . DG B 1 3  ? -1.339  -3.433  7.333   1.00 0.00 ? 13 DG B C4     1 
ATOM 410 H "H5'"  . DG B 1 3  ? -5.366  -1.133  10.633  1.00 0.00 ? 13 DG B "H5'"  1 
ATOM 411 H "H5''" . DG B 1 3  ? -6.319  0.104   9.743   1.00 0.00 ? 13 DG B "H5''" 1 
ATOM 412 H "H4'"  . DG B 1 3  ? -3.904  0.460   9.446   1.00 0.00 ? 13 DG B "H4'"  1 
ATOM 413 H "H3'"  . DG B 1 3  ? -5.850  0.168   7.367   1.00 0.00 ? 13 DG B "H3'"  1 
ATOM 414 H "H2'"  . DG B 1 3  ? -5.097  -1.886  6.728   1.00 0.00 ? 13 DG B "H2'"  1 
ATOM 415 H "H2''" . DG B 1 3  ? -3.962  -1.070  5.649   1.00 0.00 ? 13 DG B "H2''" 1 
ATOM 416 H "H1'"  . DG B 1 3  ? -2.224  -0.898  7.229   1.00 0.00 ? 13 DG B "H1'"  1 
ATOM 417 H H8     . DG B 1 3  ? -4.511  -3.960  7.194   1.00 0.00 ? 13 DG B H8     1 
ATOM 418 H H1     . DG B 1 3  ? 1.744   -5.294  7.506   1.00 0.00 ? 13 DG B H1     1 
ATOM 419 H H21    . DG B 1 3  ? 2.920   -3.446  7.495   1.00 0.00 ? 13 DG B H21    1 
ATOM 420 H H22    . DG B 1 3  ? 2.184   -1.878  7.584   1.00 0.00 ? 13 DG B H22    1 
ATOM 421 P P      . DA B 1 4  ? -4.075  2.602   7.667   1.00 0.00 ? 14 DA B P      1 
ATOM 422 O OP1    . DA B 1 4  ? -4.950  2.527   8.866   1.00 0.00 ? 14 DA B OP1    1 
ATOM 423 O OP2    . DA B 1 4  ? -4.311  3.641   6.647   1.00 0.00 ? 14 DA B OP2    1 
ATOM 424 O "O5'"  . DA B 1 4  ? -2.565  2.676   8.150   1.00 0.00 ? 14 DA B "O5'"  1 
ATOM 425 C "C5'"  . DA B 1 4  ? -2.230  3.476   9.308   1.00 0.00 ? 14 DA B "C5'"  1 
ATOM 426 C "C4'"  . DA B 1 4  ? -1.384  4.662   8.858   1.00 0.00 ? 14 DA B "C4'"  1 
ATOM 427 O "O4'"  . DA B 1 4  ? -0.083  4.170   8.506   1.00 0.00 ? 14 DA B "O4'"  1 
ATOM 428 C "C3'"  . DA B 1 4  ? -1.888  5.316   7.579   1.00 0.00 ? 14 DA B "C3'"  1 
ATOM 429 O "O3'"  . DA B 1 4  ? -1.460  6.635   7.467   1.00 0.00 ? 14 DA B "O3'"  1 
ATOM 430 C "C2'"  . DA B 1 4  ? -1.188  4.440   6.503   1.00 0.00 ? 14 DA B "C2'"  1 
ATOM 431 C "C1'"  . DA B 1 4  ? 0.176   4.180   7.219   1.00 0.00 ? 14 DA B "C1'"  1 
ATOM 432 N N9     . DA B 1 4  ? 0.867   2.972   6.682   1.00 0.00 ? 14 DA B N9     1 
ATOM 433 C C8     . DA B 1 4  ? 0.348   1.727   6.464   1.00 0.00 ? 14 DA B C8     1 
ATOM 434 N N7     . DA B 1 4  ? 1.194   0.892   5.945   1.00 0.00 ? 14 DA B N7     1 
ATOM 435 C C5     . DA B 1 4  ? 2.348   1.645   5.778   1.00 0.00 ? 14 DA B C5     1 
ATOM 436 C C6     . DA B 1 4  ? 3.608   1.340   5.237   1.00 0.00 ? 14 DA B C6     1 
ATOM 437 N N6     . DA B 1 4  ? 3.934   0.130   4.757   1.00 0.00 ? 14 DA B N6     1 
ATOM 438 N N1     . DA B 1 4  ? 4.484   2.354   5.099   1.00 0.00 ? 14 DA B N1     1 
ATOM 439 C C2     . DA B 1 4  ? 4.199   3.520   5.692   1.00 0.00 ? 14 DA B C2     1 
ATOM 440 N N3     . DA B 1 4  ? 3.064   3.917   6.230   1.00 0.00 ? 14 DA B N3     1 
ATOM 441 C C4     . DA B 1 4  ? 2.159   2.919   6.230   1.00 0.00 ? 14 DA B C4     1 
ATOM 442 H "H5'"  . DA B 1 4  ? -1.696  2.832   9.974   1.00 0.00 ? 14 DA B "H5'"  1 
ATOM 443 H "H5''" . DA B 1 4  ? -3.121  3.849   9.764   1.00 0.00 ? 14 DA B "H5''" 1 
ATOM 444 H "H4'"  . DA B 1 4  ? -1.230  5.371   9.651   1.00 0.00 ? 14 DA B "H4'"  1 
ATOM 445 H "H3'"  . DA B 1 4  ? -2.988  5.233   7.561   1.00 0.00 ? 14 DA B "H3'"  1 
ATOM 446 H "H2'"  . DA B 1 4  ? -1.834  3.638   6.265   1.00 0.00 ? 14 DA B "H2'"  1 
ATOM 447 H "H2''" . DA B 1 4  ? -1.075  5.116   5.684   1.00 0.00 ? 14 DA B "H2''" 1 
ATOM 448 H "H1'"  . DA B 1 4  ? 0.784   5.061   6.825   1.00 0.00 ? 14 DA B "H1'"  1 
ATOM 449 H H8     . DA B 1 4  ? -0.642  1.447   6.760   1.00 0.00 ? 14 DA B H8     1 
ATOM 450 H H61    . DA B 1 4  ? 4.851   -0.031  4.391   1.00 0.00 ? 14 DA B H61    1 
ATOM 451 H H62    . DA B 1 4  ? 3.262   -0.611  4.768   1.00 0.00 ? 14 DA B H62    1 
ATOM 452 H H2     . DA B 1 4  ? 5.044   4.185   5.883   1.00 0.00 ? 14 DA B H2     1 
ATOM 453 P P      . DG B 1 5  ? -1.948  7.685   6.381   1.00 0.00 ? 15 DG B P      1 
ATOM 454 O OP1    . DG B 1 5  ? -1.743  9.049   6.890   1.00 0.00 ? 15 DG B OP1    1 
ATOM 455 O OP2    . DG B 1 5  ? -3.236  7.252   5.820   1.00 0.00 ? 15 DG B OP2    1 
ATOM 456 O "O5'"  . DG B 1 5  ? -0.858  7.464   5.170   1.00 0.00 ? 15 DG B "O5'"  1 
ATOM 457 C "C5'"  . DG B 1 5  ? 0.469   7.945   5.414   1.00 0.00 ? 15 DG B "C5'"  1 
ATOM 458 C "C4'"  . DG B 1 5  ? 1.544   7.393   4.572   1.00 0.00 ? 15 DG B "C4'"  1 
ATOM 459 O "O4'"  . DG B 1 5  ? 1.445   6.001   4.241   1.00 0.00 ? 15 DG B "O4'"  1 
ATOM 460 C "C3'"  . DG B 1 5  ? 1.999   8.079   3.312   1.00 0.00 ? 15 DG B "C3'"  1 
ATOM 461 O "O3'"  . DG B 1 5  ? 3.380   7.986   3.177   1.00 0.00 ? 15 DG B "O3'"  1 
ATOM 462 C "C2'"  . DG B 1 5  ? 1.330   7.119   2.208   1.00 0.00 ? 15 DG B "C2'"  1 
ATOM 463 C "C1'"  . DG B 1 5  ? 1.661   5.818   2.839   1.00 0.00 ? 15 DG B "C1'"  1 
ATOM 464 N N9     . DG B 1 5  ? 0.702   4.708   2.543   1.00 0.00 ? 15 DG B N9     1 
ATOM 465 C C8     . DG B 1 5  ? -0.670  4.695   2.690   1.00 0.00 ? 15 DG B C8     1 
ATOM 466 N N7     . DG B 1 5  ? -1.212  3.511   2.534   1.00 0.00 ? 15 DG B N7     1 
ATOM 467 C C5     . DG B 1 5  ? -0.122  2.682   2.268   1.00 0.00 ? 15 DG B C5     1 
ATOM 468 C C6     . DG B 1 5  ? -0.079  1.290   1.995   1.00 0.00 ? 15 DG B C6     1 
ATOM 469 O O6     . DG B 1 5  ? -1.013  0.501   1.870   1.00 0.00 ? 15 DG B O6     1 
ATOM 470 N N1     . DG B 1 5  ? 1.237   0.843   1.822   1.00 0.00 ? 15 DG B N1     1 
ATOM 471 C C2     . DG B 1 5  ? 2.365   1.635   1.910   1.00 0.00 ? 15 DG B C2     1 
ATOM 472 N N2     . DG B 1 5  ? 3.534   1.012   1.740   1.00 0.00 ? 15 DG B N2     1 
ATOM 473 N N3     . DG B 1 5  ? 2.324   2.941   2.168   1.00 0.00 ? 15 DG B N3     1 
ATOM 474 C C4     . DG B 1 5  ? 1.051   3.398   2.298   1.00 0.00 ? 15 DG B C4     1 
ATOM 475 H "H5'"  . DG B 1 5  ? 0.676   7.706   6.480   1.00 0.00 ? 15 DG B "H5'"  1 
ATOM 476 H "H5''" . DG B 1 5  ? 0.469   9.054   5.376   1.00 0.00 ? 15 DG B "H5''" 1 
ATOM 477 H "H4'"  . DG B 1 5  ? 2.500   7.350   5.246   1.00 0.00 ? 15 DG B "H4'"  1 
ATOM 478 H "H3'"  . DG B 1 5  ? 1.565   9.012   3.058   1.00 0.00 ? 15 DG B "H3'"  1 
ATOM 479 H "H2'"  . DG B 1 5  ? 0.300   7.374   2.124   1.00 0.00 ? 15 DG B "H2'"  1 
ATOM 480 H "H2''" . DG B 1 5  ? 1.906   7.478   1.399   1.00 0.00 ? 15 DG B "H2''" 1 
ATOM 481 H "H1'"  . DG B 1 5  ? 2.580   5.489   2.453   1.00 0.00 ? 15 DG B "H1'"  1 
ATOM 482 H H8     . DG B 1 5  ? -1.241  5.571   2.918   1.00 0.00 ? 15 DG B H8     1 
ATOM 483 H H1     . DG B 1 5  ? 1.373   -0.132  1.639   1.00 0.00 ? 15 DG B H1     1 
ATOM 484 H H21    . DG B 1 5  ? 3.551   0.045   1.476   1.00 0.00 ? 15 DG B H21    1 
ATOM 485 H H22    . DG B 1 5  ? 4.390   1.524   1.821   1.00 0.00 ? 15 DG B H22    1 
ATOM 486 P P      . DC B 1 6  ? 4.416   8.541   2.171   1.00 0.00 ? 16 DC B P      1 
ATOM 487 O OP1    . DC B 1 6  ? 5.774   8.543   2.801   1.00 0.00 ? 16 DC B OP1    1 
ATOM 488 O OP2    . DC B 1 6  ? 3.924   9.810   1.571   1.00 0.00 ? 16 DC B OP2    1 
ATOM 489 O "O5'"  . DC B 1 6  ? 4.461   7.448   0.989   1.00 0.00 ? 16 DC B "O5'"  1 
ATOM 490 C "C5'"  . DC B 1 6  ? 5.533   6.494   0.943   1.00 0.00 ? 16 DC B "C5'"  1 
ATOM 491 C "C4'"  . DC B 1 6  ? 5.541   5.769   -0.391  1.00 0.00 ? 16 DC B "C4'"  1 
ATOM 492 O "O4'"  . DC B 1 6  ? 4.597   4.677   -0.326  1.00 0.00 ? 16 DC B "O4'"  1 
ATOM 493 C "C3'"  . DC B 1 6  ? 5.181   6.574   -1.641  1.00 0.00 ? 16 DC B "C3'"  1 
ATOM 494 O "O3'"  . DC B 1 6  ? 6.244   6.503   -2.561  1.00 0.00 ? 16 DC B "O3'"  1 
ATOM 495 C "C2'"  . DC B 1 6  ? 3.930   5.939   -2.194  1.00 0.00 ? 16 DC B "C2'"  1 
ATOM 496 C "C1'"  . DC B 1 6  ? 3.970   4.577   -1.578  1.00 0.00 ? 16 DC B "C1'"  1 
ATOM 497 N N1     . DC B 1 6  ? 2.638   3.953   -1.334  1.00 0.00 ? 16 DC B N1     1 
ATOM 498 C C2     . DC B 1 6  ? 2.539   2.567   -1.493  1.00 0.00 ? 16 DC B C2     1 
ATOM 499 O O2     . DC B 1 6  ? 3.538   1.933   -1.854  1.00 0.00 ? 16 DC B O2     1 
ATOM 500 N N3     . DC B 1 6  ? 1.338   1.975   -1.271  1.00 0.00 ? 16 DC B N3     1 
ATOM 501 C C4     . DC B 1 6  ? 0.300   2.687   -0.815  1.00 0.00 ? 16 DC B C4     1 
ATOM 502 N N4     . DC B 1 6  ? -0.838  2.054   -0.571  1.00 0.00 ? 16 DC B N4     1 
ATOM 503 C C5     . DC B 1 6  ? 0.409   4.093   -0.560  1.00 0.00 ? 16 DC B C5     1 
ATOM 504 C C6     . DC B 1 6  ? 1.597   4.680   -0.856  1.00 0.00 ? 16 DC B C6     1 
ATOM 505 H "H5'"  . DC B 1 6  ? 5.401   5.756   1.748   1.00 0.00 ? 16 DC B "H5'"  1 
ATOM 506 H "H5''" . DC B 1 6  ? 6.491   6.998   1.086   1.00 0.00 ? 16 DC B "H5''" 1 
ATOM 507 H "H4'"  . DC B 1 6  ? 6.529   5.303   -0.539  1.00 0.00 ? 16 DC B "H4'"  1 
ATOM 508 H "H3'"  . DC B 1 6  ? 5.041   7.632   -1.295  1.00 0.00 ? 16 DC B "H3'"  1 
ATOM 509 H "H2'"  . DC B 1 6  ? 3.095   6.626   -2.058  1.00 0.00 ? 16 DC B "H2'"  1 
ATOM 510 H "H2''" . DC B 1 6  ? 3.946   5.809   -3.300  1.00 0.00 ? 16 DC B "H2''" 1 
ATOM 511 H "H1'"  . DC B 1 6  ? 4.509   3.902   -2.271  1.00 0.00 ? 16 DC B "H1'"  1 
ATOM 512 H H41    . DC B 1 6  ? -0.922  1.079   -0.781  1.00 0.00 ? 16 DC B H41    1 
ATOM 513 H H42    . DC B 1 6  ? -1.622  2.557   -0.203  1.00 0.00 ? 16 DC B H42    1 
ATOM 514 H H5     . DC B 1 6  ? -0.398  4.648   -0.124  1.00 0.00 ? 16 DC B H5     1 
ATOM 515 H H6     . DC B 1 6  ? 1.716   5.732   -0.704  1.00 0.00 ? 16 DC B H6     1 
ATOM 516 P P      . DG B 1 7  ? 6.301   7.224   -3.964  1.00 0.00 ? 17 DG B P      1 
ATOM 517 O OP1    . DG B 1 7  ? 7.718   7.315   -4.398  1.00 0.00 ? 17 DG B OP1    1 
ATOM 518 O OP2    . DG B 1 7  ? 5.470   8.446   -3.919  1.00 0.00 ? 17 DG B OP2    1 
ATOM 519 O "O5'"  . DG B 1 7  ? 5.568   6.180   -4.962  1.00 0.00 ? 17 DG B "O5'"  1 
ATOM 520 C "C5'"  . DG B 1 7  ? 6.108   4.827   -4.987  1.00 0.00 ? 17 DG B "C5'"  1 
ATOM 521 C "C4'"  . DG B 1 7  ? 5.273   3.950   -5.913  1.00 0.00 ? 17 DG B "C4'"  1 
ATOM 522 O "O4'"  . DG B 1 7  ? 3.957   3.833   -5.303  1.00 0.00 ? 17 DG B "O4'"  1 
ATOM 523 C "C3'"  . DG B 1 7  ? 5.070   4.486   -7.321  1.00 0.00 ? 17 DG B "C3'"  1 
ATOM 524 O "O3'"  . DG B 1 7  ? 4.998   3.555   -8.321  1.00 0.00 ? 17 DG B "O3'"  1 
ATOM 525 C "C2'"  . DG B 1 7  ? 3.712   5.200   -7.196  1.00 0.00 ? 17 DG B "C2'"  1 
ATOM 526 C "C1'"  . DG B 1 7  ? 3.023   4.177   -6.238  1.00 0.00 ? 17 DG B "C1'"  1 
ATOM 527 N N9     . DG B 1 7  ? 1.889   4.844   -5.537  1.00 0.00 ? 17 DG B N9     1 
ATOM 528 C C8     . DG B 1 7  ? 1.726   6.175   -5.218  1.00 0.00 ? 17 DG B C8     1 
ATOM 529 N N7     . DG B 1 7  ? 0.581   6.446   -4.640  1.00 0.00 ? 17 DG B N7     1 
ATOM 530 C C5     . DG B 1 7  ? -0.041  5.202   -4.535  1.00 0.00 ? 17 DG B C5     1 
ATOM 531 C C6     . DG B 1 7  ? -1.304  4.856   -3.989  1.00 0.00 ? 17 DG B C6     1 
ATOM 532 O O6     . DG B 1 7  ? -2.147  5.587   -3.476  1.00 0.00 ? 17 DG B O6     1 
ATOM 533 N N1     . DG B 1 7  ? -1.547  3.479   -4.092  1.00 0.00 ? 17 DG B N1     1 
ATOM 534 C C2     . DG B 1 7  ? -0.669  2.555   -4.628  1.00 0.00 ? 17 DG B C2     1 
ATOM 535 N N2     . DG B 1 7  ? -1.074  1.283   -4.605  1.00 0.00 ? 17 DG B N2     1 
ATOM 536 N N3     . DG B 1 7  ? 0.498   2.887   -5.175  1.00 0.00 ? 17 DG B N3     1 
ATOM 537 C C4     . DG B 1 7  ? 0.751   4.218   -5.077  1.00 0.00 ? 17 DG B C4     1 
ATOM 538 H "H5'"  . DG B 1 7  ? 6.053   4.450   -3.993  1.00 0.00 ? 17 DG B "H5'"  1 
ATOM 539 H "H5''" . DG B 1 7  ? 7.111   4.875   -5.403  1.00 0.00 ? 17 DG B "H5''" 1 
ATOM 540 H "H4'"  . DG B 1 7  ? 5.634   2.931   -5.928  1.00 0.00 ? 17 DG B "H4'"  1 
ATOM 541 H "H3'"  . DG B 1 7  ? 5.904   5.228   -7.485  1.00 0.00 ? 17 DG B "H3'"  1 
ATOM 542 H "H2'"  . DG B 1 7  ? 3.941   6.188   -6.864  1.00 0.00 ? 17 DG B "H2'"  1 
ATOM 543 H "H2''" . DG B 1 7  ? 3.151   5.229   -8.127  1.00 0.00 ? 17 DG B "H2''" 1 
ATOM 544 H "H1'"  . DG B 1 7  ? 2.617   3.425   -6.871  1.00 0.00 ? 17 DG B "H1'"  1 
ATOM 545 H H8     . DG B 1 7  ? 2.486   6.912   -5.384  1.00 0.00 ? 17 DG B H8     1 
ATOM 546 H H1     . DG B 1 7  ? -2.424  3.139   -3.757  1.00 0.00 ? 17 DG B H1     1 
ATOM 547 H H21    . DG B 1 7  ? -1.957  1.045   -4.201  1.00 0.00 ? 17 DG B H21    1 
ATOM 548 H H22    . DG B 1 7  ? -0.565  0.592   -5.143  1.00 0.00 ? 17 DG B H22    1 
ATOM 549 P P      . DA B 1 8  ? 5.959   2.354   -8.661  1.00 0.00 ? 18 DA B P      1 
ATOM 550 O OP1    . DA B 1 8  ? 7.201   2.497   -7.854  1.00 0.00 ? 18 DA B OP1    1 
ATOM 551 O OP2    . DA B 1 8  ? 6.088   2.264   -10.146 1.00 0.00 ? 18 DA B OP2    1 
ATOM 552 O "O5'"  . DA B 1 8  ? 5.163   1.083   -8.155  1.00 0.00 ? 18 DA B "O5'"  1 
ATOM 553 C "C5'"  . DA B 1 8  ? 5.927   -0.077  -7.722  1.00 0.00 ? 18 DA B "C5'"  1 
ATOM 554 C "C4'"  . DA B 1 8  ? 5.657   -1.229  -8.690  1.00 0.00 ? 18 DA B "C4'"  1 
ATOM 555 O "O4'"  . DA B 1 8  ? 4.269   -1.572  -8.368  1.00 0.00 ? 18 DA B "O4'"  1 
ATOM 556 C "C3'"  . DA B 1 8  ? 5.646   -0.864  -10.162 1.00 0.00 ? 18 DA B "C3'"  1 
ATOM 557 O "O3'"  . DA B 1 8  ? 5.815   -1.962  -10.991 1.00 0.00 ? 18 DA B "O3'"  1 
ATOM 558 C "C2'"  . DA B 1 8  ? 4.185   -0.359  -10.338 1.00 0.00 ? 18 DA B "C2'"  1 
ATOM 559 C "C1'"  . DA B 1 8  ? 3.491   -1.392  -9.401  1.00 0.00 ? 18 DA B "C1'"  1 
ATOM 560 N N9     . DA B 1 8  ? 2.116   -0.894  -9.105  1.00 0.00 ? 18 DA B N9     1 
ATOM 561 C C8     . DA B 1 8  ? 1.747   0.327   -8.615  1.00 0.00 ? 18 DA B C8     1 
ATOM 562 N N7     . DA B 1 8  ? 0.462   0.485   -8.520  1.00 0.00 ? 18 DA B N7     1 
ATOM 563 C C5     . DA B 1 8  ? -0.059  -0.705  -9.011  1.00 0.00 ? 18 DA B C5     1 
ATOM 564 C C6     . DA B 1 8  ? -1.374  -1.151  -9.212  1.00 0.00 ? 18 DA B C6     1 
ATOM 565 N N6     . DA B 1 8  ? -2.458  -0.431  -8.882  1.00 0.00 ? 18 DA B N6     1 
ATOM 566 N N1     . DA B 1 8  ? -1.541  -2.339  -9.818  1.00 0.00 ? 18 DA B N1     1 
ATOM 567 C C2     . DA B 1 8  ? -0.463  -3.080  -10.081 1.00 0.00 ? 18 DA B C2     1 
ATOM 568 N N3     . DA B 1 8  ? 0.810   -2.803  -9.862  1.00 0.00 ? 18 DA B N3     1 
ATOM 569 C C4     . DA B 1 8  ? 0.946   -1.555  -9.373  1.00 0.00 ? 18 DA B C4     1 
ATOM 570 H "H5'"  . DA B 1 8  ? 5.488   -0.351  -6.756  1.00 0.00 ? 18 DA B "H5'"  1 
ATOM 571 H "H5''" . DA B 1 8  ? 6.931   0.143   -7.666  1.00 0.00 ? 18 DA B "H5''" 1 
ATOM 572 H "H4'"  . DA B 1 8  ? 6.172   -2.127  -8.438  1.00 0.00 ? 18 DA B "H4'"  1 
ATOM 573 H "H3'"  . DA B 1 8  ? 6.376   -0.053  -10.311 1.00 0.00 ? 18 DA B "H3'"  1 
ATOM 574 H "H2'"  . DA B 1 8  ? 4.161   0.671   -10.102 1.00 0.00 ? 18 DA B "H2'"  1 
ATOM 575 H "H2''" . DA B 1 8  ? 3.899   -0.545  -11.346 1.00 0.00 ? 18 DA B "H2''" 1 
ATOM 576 H "H1'"  . DA B 1 8  ? 3.373   -2.308  -10.029 1.00 0.00 ? 18 DA B "H1'"  1 
ATOM 577 H H8     . DA B 1 8  ? 2.453   1.049   -8.255  1.00 0.00 ? 18 DA B H8     1 
ATOM 578 H H61    . DA B 1 8  ? -3.373  -0.806  -9.032  1.00 0.00 ? 18 DA B H61    1 
ATOM 579 H H62    . DA B 1 8  ? -2.351  0.479   -8.479  1.00 0.00 ? 18 DA B H62    1 
ATOM 580 H H2     . DA B 1 8  ? -0.653  -4.147  -10.249 1.00 0.00 ? 18 DA B H2     1 
ATOM 581 P P      . DA B 1 9  ? 5.926   -2.076  -12.541 1.00 0.00 ? 19 DA B P      1 
ATOM 582 O OP1    . DA B 1 9  ? 6.714   -3.285  -12.896 1.00 0.00 ? 19 DA B OP1    1 
ATOM 583 O OP2    . DA B 1 9  ? 6.330   -0.764  -13.118 1.00 0.00 ? 19 DA B OP2    1 
ATOM 584 O "O5'"  . DA B 1 9  ? 4.421   -2.327  -13.097 1.00 0.00 ? 19 DA B "O5'"  1 
ATOM 585 C "C5'"  . DA B 1 9  ? 3.935   -3.671  -13.117 1.00 0.00 ? 19 DA B "C5'"  1 
ATOM 586 C "C4'"  . DA B 1 9  ? 2.473   -3.840  -13.302 1.00 0.00 ? 19 DA B "C4'"  1 
ATOM 587 O "O4'"  . DA B 1 9  ? 1.644   -2.789  -12.877 1.00 0.00 ? 19 DA B "O4'"  1 
ATOM 588 C "C3'"  . DA B 1 9  ? 1.970   -4.192  -14.727 1.00 0.00 ? 19 DA B "C3'"  1 
ATOM 589 O "O3'"  . DA B 1 9  ? 0.938   -5.094  -14.651 1.00 0.00 ? 19 DA B "O3'"  1 
ATOM 590 C "C2'"  . DA B 1 9  ? 1.476   -2.797  -15.191 1.00 0.00 ? 19 DA B "C2'"  1 
ATOM 591 C "C1'"  . DA B 1 9  ? 0.727   -2.363  -13.951 1.00 0.00 ? 19 DA B "C1'"  1 
ATOM 592 N N9     . DA B 1 9  ? 0.743   -0.881  -13.723 1.00 0.00 ? 19 DA B N9     1 
ATOM 593 C C8     . DA B 1 9  ? 1.837   -0.060  -13.655 1.00 0.00 ? 19 DA B C8     1 
ATOM 594 N N7     . DA B 1 9  ? 1.561   1.144   -13.259 1.00 0.00 ? 19 DA B N7     1 
ATOM 595 C C5     . DA B 1 9  ? 0.201   1.104   -12.987 1.00 0.00 ? 19 DA B C5     1 
ATOM 596 C C6     . DA B 1 9  ? -0.701  2.076   -12.525 1.00 0.00 ? 19 DA B C6     1 
ATOM 597 N N6     . DA B 1 9  ? -0.349  3.340   -12.246 1.00 0.00 ? 19 DA B N6     1 
ATOM 598 N N1     . DA B 1 9  ? -1.978  1.697   -12.341 1.00 0.00 ? 19 DA B N1     1 
ATOM 599 C C2     . DA B 1 9  ? -2.323  0.441   -12.618 1.00 0.00 ? 19 DA B C2     1 
ATOM 600 N N3     . DA B 1 9  ? -1.581  -0.537  -13.096 1.00 0.00 ? 19 DA B N3     1 
ATOM 601 C C4     . DA B 1 9  ? -0.302  -0.139  -13.244 1.00 0.00 ? 19 DA B C4     1 
ATOM 602 H "H5'"  . DA B 1 9  ? 4.190   -4.071  -12.132 1.00 0.00 ? 19 DA B "H5'"  1 
ATOM 603 H "H5''" . DA B 1 9  ? 4.547   -4.321  -13.779 1.00 0.00 ? 19 DA B "H5''" 1 
ATOM 604 H "H4'"  . DA B 1 9  ? 2.150   -4.746  -12.666 1.00 0.00 ? 19 DA B "H4'"  1 
ATOM 605 H "H3'"  . DA B 1 9  ? 2.858   -4.494  -15.280 1.00 0.00 ? 19 DA B "H3'"  1 
ATOM 606 H "H2'"  . DA B 1 9  ? 2.379   -2.217  -15.366 1.00 0.00 ? 19 DA B "H2'"  1 
ATOM 607 H "H2''" . DA B 1 9  ? 0.819   -2.934  -16.029 1.00 0.00 ? 19 DA B "H2''" 1 
ATOM 608 H "H1'"  . DA B 1 9  ? -0.224  -2.766  -13.912 1.00 0.00 ? 19 DA B "H1'"  1 
ATOM 609 H H8     . DA B 1 9  ? 2.830   -0.384  -13.895 1.00 0.00 ? 19 DA B H8     1 
ATOM 610 H H61    . DA B 1 9  ? -1.029  3.982   -11.892 1.00 0.00 ? 19 DA B H61    1 
ATOM 611 H H62    . DA B 1 9  ? 0.598   3.636   -12.375 1.00 0.00 ? 19 DA B H62    1 
ATOM 612 H H2     . DA B 1 9  ? -3.337  0.179   -12.381 1.00 0.00 ? 19 DA B H2     1 
ATOM 613 P P      . DT B 1 10 ? -0.023  -5.643  -15.749 1.00 0.00 ? 20 DT B P      1 
ATOM 614 O OP1    . DT B 1 10 ? -0.581  -6.955  -15.301 1.00 0.00 ? 20 DT B OP1    1 
ATOM 615 O OP2    . DT B 1 10 ? 0.642   -5.575  -17.074 1.00 0.00 ? 20 DT B OP2    1 
ATOM 616 O "O5'"  . DT B 1 10 ? -1.267  -4.605  -15.769 1.00 0.00 ? 20 DT B "O5'"  1 
ATOM 617 C "C5'"  . DT B 1 10 ? -1.784  -4.254  -17.077 1.00 0.00 ? 20 DT B "C5'"  1 
ATOM 618 C "C4'"  . DT B 1 10 ? -2.989  -3.374  -17.000 1.00 0.00 ? 20 DT B "C4'"  1 
ATOM 619 O "O4'"  . DT B 1 10 ? -2.887  -2.303  -16.058 1.00 0.00 ? 20 DT B "O4'"  1 
ATOM 620 C "C3'"  . DT B 1 10 ? -3.503  -2.753  -18.291 1.00 0.00 ? 20 DT B "C3'"  1 
ATOM 621 O "O3'"  . DT B 1 10 ? -4.873  -3.174  -18.510 1.00 0.00 ? 20 DT B "O3'"  1 
ATOM 622 C "C2'"  . DT B 1 10 ? -3.477  -1.285  -18.075 1.00 0.00 ? 20 DT B "C2'"  1 
ATOM 623 C "C1'"  . DT B 1 10 ? -3.681  -1.174  -16.535 1.00 0.00 ? 20 DT B "C1'"  1 
ATOM 624 N N1     . DT B 1 10 ? -2.854  -0.008  -16.095 1.00 0.00 ? 20 DT B N1     1 
ATOM 625 C C2     . DT B 1 10 ? -3.508  1.121   -15.715 1.00 0.00 ? 20 DT B C2     1 
ATOM 626 O O2     . DT B 1 10 ? -4.728  1.099   -15.525 1.00 0.00 ? 20 DT B O2     1 
ATOM 627 N N3     . DT B 1 10 ? -2.772  2.245   -15.490 1.00 0.00 ? 20 DT B N3     1 
ATOM 628 C C4     . DT B 1 10 ? -1.426  2.308   -15.724 1.00 0.00 ? 20 DT B C4     1 
ATOM 629 O O4     . DT B 1 10 ? -0.850  3.370   -15.503 1.00 0.00 ? 20 DT B O4     1 
ATOM 630 C C5     . DT B 1 10 ? -0.781  1.163   -16.189 1.00 0.00 ? 20 DT B C5     1 
ATOM 631 C C7     . DT B 1 10 ? 0.691   1.183   -16.507 1.00 0.00 ? 20 DT B C7     1 
ATOM 632 C C6     . DT B 1 10 ? -1.527  0.006   -16.396 1.00 0.00 ? 20 DT B C6     1 
ATOM 633 H "H5'"  . DT B 1 10 ? -2.102  -5.214  -17.557 1.00 0.00 ? 20 DT B "H5'"  1 
ATOM 634 H "H5''" . DT B 1 10 ? -0.953  -3.909  -17.670 1.00 0.00 ? 20 DT B "H5''" 1 
ATOM 635 H "H4'"  . DT B 1 10 ? -3.816  -4.032  -16.584 1.00 0.00 ? 20 DT B "H4'"  1 
ATOM 636 H "H3'"  . DT B 1 10 ? -2.935  -3.176  -19.145 1.00 0.00 ? 20 DT B "H3'"  1 
ATOM 637 H "H2'"  . DT B 1 10 ? -2.597  -0.766  -18.467 1.00 0.00 ? 20 DT B "H2'"  1 
ATOM 638 H "H2''" . DT B 1 10 ? -4.334  -0.755  -18.482 1.00 0.00 ? 20 DT B "H2''" 1 
ATOM 639 H "H1'"  . DT B 1 10 ? -4.655  -1.183  -16.283 1.00 0.00 ? 20 DT B "H1'"  1 
ATOM 640 H H3     . DT B 1 10 ? -3.231  3.048   -15.109 1.00 0.00 ? 20 DT B H3     1 
ATOM 641 H H71    . DT B 1 10 ? 1.006   1.195   -16.596 1.00 0.00 ? 20 DT B H71    1 
ATOM 642 H H72    . DT B 1 10 ? 1.006   1.195   -16.596 1.00 0.00 ? 20 DT B H72    1 
ATOM 643 H H73    . DT B 1 10 ? 1.006   1.195   -16.596 1.00 0.00 ? 20 DT B H73    1 
ATOM 644 H H6     . DT B 1 10 ? -1.066  -0.855  -16.837 1.00 0.00 ? 20 DT B H6     1 
# 
